data_8FDN
#
_entry.id   8FDN
#
_cell.length_a   53.262
_cell.length_b   53.262
_cell.length_c   192.545
_cell.angle_alpha   90.000
_cell.angle_beta   90.000
_cell.angle_gamma   90.000
#
_symmetry.space_group_name_H-M   'P 41'
#
loop_
_entity.id
_entity.type
_entity.pdbx_description
1 polymer 'Hemoglobin subunit alpha'
2 polymer 'Hemoglobin subunit beta'
3 non-polymer GLYCEROL
4 non-polymer 'PROTOPORPHYRIN IX CONTAINING FE'
5 non-polymer N-T-Butylhydroxylamine
6 water water
#
loop_
_entity_poly.entity_id
_entity_poly.type
_entity_poly.pdbx_seq_one_letter_code
_entity_poly.pdbx_strand_id
1 'polypeptide(L)'
;VLSPADKTNVKAAWGKVGAHAGEYGAEALERMFLSFPTTKTYFPHFDLSHGSAQVKGHGKKVADALTNAVAHVDDMPNAL
SALSDLHAHKLRVDPVNFKLLSHCLLVTLAAHLPAEFTPAVHASLDKFLASVSTVLTSKYR
;
A,C
2 'polypeptide(L)'
;VHLTPEEKSAVTALWGKVNVDEVGGEALGRLLVVYPWTQRFFESFGDLSTPDAVMGNPKVKAHGKKVLGAFSDGLAHLDN
LKGTFATLSELHCDKLHVDPENFRLLGNVLVCVLAHHFGKEFTPPVQAAYQKVVAGVANALAHKYH
;
B,D
#
loop_
_chem_comp.id
_chem_comp.type
_chem_comp.name
_chem_comp.formula
GOL non-polymer GLYCEROL 'C3 H8 O3'
HEM non-polymer 'PROTOPORPHYRIN IX CONTAINING FE' 'C34 H32 Fe N4 O4'
XQZ non-polymer N-T-Butylhydroxylamine 'C4 H11 N O'
#
# COMPACT_ATOMS: atom_id res chain seq x y z
N VAL A 1 -16.19 1.49 9.85
CA VAL A 1 -17.16 2.58 10.13
C VAL A 1 -18.31 2.45 9.15
N LEU A 2 -18.71 1.23 8.81
CA LEU A 2 -19.75 1.10 7.81
C LEU A 2 -21.01 1.79 8.31
N SER A 3 -21.40 2.85 7.64
CA SER A 3 -22.59 3.59 8.05
C SER A 3 -23.85 2.79 7.75
N PRO A 4 -25.00 3.27 8.25
CA PRO A 4 -26.28 2.71 7.80
C PRO A 4 -26.46 2.70 6.29
N ALA A 5 -25.96 3.74 5.62
CA ALA A 5 -26.14 3.85 4.17
C ALA A 5 -25.18 2.94 3.39
N ASP A 6 -23.93 2.74 3.85
CA ASP A 6 -23.10 1.72 3.21
C ASP A 6 -23.71 0.32 3.39
N LYS A 7 -24.18 0.01 4.59
CA LYS A 7 -24.83 -1.27 4.82
C LYS A 7 -26.01 -1.47 3.87
N THR A 8 -26.78 -0.43 3.62
CA THR A 8 -27.93 -0.54 2.73
C THR A 8 -27.45 -0.77 1.30
N ASN A 9 -26.50 0.04 0.83
CA ASN A 9 -25.94 -0.16 -0.50
C ASN A 9 -25.30 -1.53 -0.70
N VAL A 10 -24.68 -2.11 0.34
CA VAL A 10 -24.04 -3.40 0.13
C VAL A 10 -25.06 -4.54 0.08
N LYS A 11 -26.01 -4.56 1.04
CA LYS A 11 -27.06 -5.55 1.02
C LYS A 11 -27.85 -5.47 -0.29
N ALA A 12 -28.13 -4.25 -0.77
CA ALA A 12 -28.76 -4.08 -2.06
C ALA A 12 -27.96 -4.77 -3.17
N ALA A 13 -26.82 -4.18 -3.52
CA ALA A 13 -25.92 -4.68 -4.55
C ALA A 13 -25.81 -6.21 -4.49
N TRP A 14 -25.53 -6.73 -3.30
CA TRP A 14 -25.47 -8.17 -3.11
C TRP A 14 -26.76 -8.85 -3.56
N GLY A 15 -27.89 -8.40 -3.05
CA GLY A 15 -29.15 -9.05 -3.38
C GLY A 15 -29.38 -9.18 -4.87
N LYS A 16 -28.92 -8.21 -5.66
CA LYS A 16 -29.13 -8.23 -7.09
C LYS A 16 -28.26 -9.28 -7.77
N VAL A 17 -27.00 -9.37 -7.35
CA VAL A 17 -26.13 -10.48 -7.70
C VAL A 17 -26.90 -11.78 -7.64
N GLY A 18 -27.73 -11.90 -6.61
CA GLY A 18 -28.52 -13.11 -6.43
C GLY A 18 -27.67 -14.34 -6.48
N ALA A 19 -28.19 -15.37 -7.14
CA ALA A 19 -27.53 -16.66 -7.25
C ALA A 19 -26.25 -16.66 -8.07
N HIS A 20 -26.05 -15.66 -8.92
CA HIS A 20 -24.77 -15.47 -9.57
C HIS A 20 -23.65 -15.18 -8.56
N ALA A 21 -23.92 -15.38 -7.27
CA ALA A 21 -22.91 -15.39 -6.21
C ALA A 21 -21.61 -16.07 -6.63
N GLY A 22 -21.59 -17.41 -6.63
CA GLY A 22 -20.35 -18.12 -6.91
C GLY A 22 -19.77 -17.79 -8.28
N GLU A 23 -20.61 -17.72 -9.30
CA GLU A 23 -20.11 -17.37 -10.63
C GLU A 23 -19.26 -16.12 -10.59
N TYR A 24 -19.80 -15.05 -10.00
CA TYR A 24 -19.12 -13.76 -9.91
C TYR A 24 -17.88 -13.86 -9.04
N GLY A 25 -17.92 -14.71 -8.02
CA GLY A 25 -16.70 -15.02 -7.30
C GLY A 25 -15.66 -15.71 -8.17
N ALA A 26 -16.09 -16.69 -8.96
CA ALA A 26 -15.14 -17.35 -9.85
C ALA A 26 -14.50 -16.33 -10.80
N GLU A 27 -15.31 -15.45 -11.37
CA GLU A 27 -14.79 -14.53 -12.35
C GLU A 27 -13.80 -13.56 -11.72
N ALA A 28 -14.05 -13.21 -10.45
CA ALA A 28 -13.15 -12.32 -9.73
C ALA A 28 -11.80 -12.97 -9.52
N LEU A 29 -11.82 -14.23 -9.09
CA LEU A 29 -10.59 -15.01 -9.05
C LEU A 29 -9.89 -14.98 -10.40
N GLU A 30 -10.62 -15.28 -11.49
CA GLU A 30 -9.97 -15.37 -12.78
C GLU A 30 -9.39 -14.01 -13.18
N ARG A 31 -10.16 -12.96 -12.91
CA ARG A 31 -9.62 -11.62 -13.16
C ARG A 31 -8.33 -11.41 -12.39
N MET A 32 -8.36 -11.76 -11.10
CA MET A 32 -7.20 -11.62 -10.25
C MET A 32 -6.02 -12.41 -10.79
N PHE A 33 -6.23 -13.67 -11.16
CA PHE A 33 -5.08 -14.50 -11.57
C PHE A 33 -4.46 -14.04 -12.90
N LEU A 34 -5.24 -13.51 -13.82
CA LEU A 34 -4.67 -12.97 -15.07
C LEU A 34 -4.10 -11.55 -14.91
N SER A 35 -4.81 -10.67 -14.20
CA SER A 35 -4.30 -9.32 -13.99
C SER A 35 -3.08 -9.31 -13.08
N PHE A 36 -3.05 -10.14 -12.04
CA PHE A 36 -2.04 -10.04 -10.99
C PHE A 36 -1.47 -11.44 -10.85
N PRO A 37 -0.56 -11.82 -11.75
CA PRO A 37 -0.17 -13.25 -11.81
C PRO A 37 0.62 -13.72 -10.61
N THR A 38 1.33 -12.82 -9.90
CA THR A 38 1.93 -13.22 -8.62
C THR A 38 0.93 -13.97 -7.76
N THR A 39 -0.34 -13.56 -7.79
CA THR A 39 -1.31 -14.16 -6.88
C THR A 39 -1.44 -15.64 -7.13
N LYS A 40 -1.05 -16.13 -8.33
CA LYS A 40 -1.26 -17.54 -8.64
C LYS A 40 -0.39 -18.48 -7.79
N THR A 41 0.62 -17.96 -7.07
CA THR A 41 1.47 -18.84 -6.28
C THR A 41 0.72 -19.45 -5.11
N TYR A 42 -0.32 -18.77 -4.63
CA TYR A 42 -1.17 -19.39 -3.60
C TYR A 42 -2.00 -20.58 -4.11
N PHE A 43 -2.13 -20.82 -5.41
CA PHE A 43 -3.02 -21.86 -5.92
C PHE A 43 -2.26 -22.75 -6.91
N PRO A 44 -1.14 -23.29 -6.44
CA PRO A 44 -0.34 -24.15 -7.34
C PRO A 44 -1.03 -25.45 -7.64
N HIS A 45 -1.66 -26.04 -6.64
CA HIS A 45 -2.43 -27.22 -6.75
C HIS A 45 -3.77 -26.96 -7.40
N PHE A 46 -4.09 -25.79 -7.92
CA PHE A 46 -5.28 -25.57 -8.71
C PHE A 46 -4.91 -25.53 -10.19
N ASP A 47 -5.83 -26.03 -11.02
CA ASP A 47 -5.91 -25.61 -12.43
C ASP A 47 -6.65 -24.28 -12.49
N LEU A 48 -6.02 -23.26 -13.09
CA LEU A 48 -6.50 -21.89 -13.06
C LEU A 48 -6.96 -21.40 -14.45
N SER A 49 -7.21 -22.34 -15.36
CA SER A 49 -7.72 -22.07 -16.69
C SER A 49 -9.24 -21.87 -16.67
N HIS A 50 -9.74 -21.21 -17.72
CA HIS A 50 -11.14 -20.87 -17.80
C HIS A 50 -12.00 -22.12 -17.64
N GLY A 51 -13.11 -21.98 -16.91
CA GLY A 51 -13.96 -23.12 -16.65
C GLY A 51 -13.45 -24.08 -15.60
N SER A 52 -12.40 -23.74 -14.87
CA SER A 52 -11.93 -24.65 -13.84
C SER A 52 -13.02 -24.93 -12.83
N ALA A 53 -13.35 -26.21 -12.67
CA ALA A 53 -14.16 -26.66 -11.54
C ALA A 53 -13.61 -26.16 -10.22
N GLN A 54 -12.32 -25.96 -10.13
CA GLN A 54 -11.71 -25.62 -8.84
C GLN A 54 -11.87 -24.14 -8.56
N VAL A 55 -11.78 -23.31 -9.59
CA VAL A 55 -12.01 -21.88 -9.44
C VAL A 55 -13.50 -21.59 -9.24
N LYS A 56 -14.39 -22.28 -9.97
CA LYS A 56 -15.80 -22.21 -9.65
C LYS A 56 -16.06 -22.57 -8.19
N GLY A 57 -15.56 -23.74 -7.75
CA GLY A 57 -15.86 -24.17 -6.39
C GLY A 57 -15.32 -23.22 -5.35
N HIS A 58 -14.10 -22.74 -5.55
CA HIS A 58 -13.52 -21.82 -4.58
C HIS A 58 -14.18 -20.45 -4.71
N GLY A 59 -14.49 -20.05 -5.93
CA GLY A 59 -15.25 -18.82 -6.13
C GLY A 59 -16.56 -18.81 -5.38
N LYS A 60 -17.24 -19.94 -5.35
CA LYS A 60 -18.45 -20.06 -4.55
C LYS A 60 -18.11 -19.95 -3.08
N LYS A 61 -17.01 -20.58 -2.67
CA LYS A 61 -16.56 -20.48 -1.27
C LYS A 61 -16.23 -19.04 -0.85
N VAL A 62 -15.58 -18.27 -1.72
CA VAL A 62 -15.30 -16.87 -1.42
C VAL A 62 -16.58 -16.05 -1.41
N ALA A 63 -17.49 -16.30 -2.35
CA ALA A 63 -18.72 -15.53 -2.36
C ALA A 63 -19.53 -15.73 -1.07
N ASP A 64 -19.50 -16.95 -0.50
CA ASP A 64 -20.24 -17.24 0.73
C ASP A 64 -19.55 -16.68 1.97
N ALA A 65 -18.22 -16.66 2.00
CA ALA A 65 -17.56 -15.92 3.06
C ALA A 65 -18.08 -14.51 3.07
N LEU A 66 -18.10 -13.87 1.90
CA LEU A 66 -18.54 -12.49 1.78
C LEU A 66 -20.00 -12.31 2.20
N THR A 67 -20.86 -13.15 1.68
CA THR A 67 -22.26 -13.13 2.07
C THR A 67 -22.41 -13.23 3.58
N ASN A 68 -21.57 -14.06 4.20
CA ASN A 68 -21.58 -14.20 5.64
C ASN A 68 -21.20 -12.89 6.32
N ALA A 69 -20.20 -12.17 5.79
CA ALA A 69 -19.79 -10.89 6.38
C ALA A 69 -20.91 -9.85 6.27
N VAL A 70 -21.45 -9.70 5.06
CA VAL A 70 -22.66 -8.92 4.81
C VAL A 70 -23.69 -9.27 5.88
N ALA A 71 -24.00 -10.56 5.99
CA ALA A 71 -25.08 -11.01 6.85
C ALA A 71 -24.79 -10.77 8.31
N HIS A 72 -23.52 -10.64 8.67
CA HIS A 72 -23.07 -10.35 10.03
C HIS A 72 -22.08 -9.18 10.02
N VAL A 73 -22.51 -8.09 9.36
CA VAL A 73 -21.63 -6.93 9.10
C VAL A 73 -21.26 -6.14 10.35
N ASP A 74 -22.01 -6.29 11.42
CA ASP A 74 -21.67 -5.63 12.68
C ASP A 74 -20.79 -6.49 13.56
N ASP A 75 -20.69 -7.78 13.29
CA ASP A 75 -19.71 -8.58 14.01
C ASP A 75 -18.84 -9.36 13.05
N MET A 76 -18.30 -8.65 12.05
CA MET A 76 -17.42 -9.28 11.08
C MET A 76 -16.21 -9.95 11.70
N PRO A 77 -15.55 -9.37 12.70
CA PRO A 77 -14.37 -10.06 13.28
C PRO A 77 -14.66 -11.48 13.77
N ASN A 78 -15.75 -11.63 14.52
CA ASN A 78 -16.09 -12.95 15.02
C ASN A 78 -16.51 -13.85 13.86
N ALA A 79 -17.21 -13.27 12.87
CA ALA A 79 -17.76 -14.07 11.80
C ALA A 79 -16.66 -14.63 10.93
N LEU A 80 -15.59 -13.85 10.76
CA LEU A 80 -14.48 -14.18 9.91
C LEU A 80 -13.30 -14.64 10.72
N SER A 81 -13.51 -14.89 12.01
CA SER A 81 -12.43 -15.27 12.89
C SER A 81 -11.60 -16.39 12.26
N ALA A 82 -12.26 -17.52 12.02
CA ALA A 82 -11.54 -18.66 11.48
C ALA A 82 -10.90 -18.35 10.14
N LEU A 83 -11.53 -17.50 9.33
CA LEU A 83 -10.86 -17.16 8.08
C LEU A 83 -9.70 -16.19 8.32
N SER A 84 -9.78 -15.34 9.36
CA SER A 84 -8.61 -14.53 9.72
C SER A 84 -7.41 -15.42 10.01
N ASP A 85 -7.63 -16.47 10.76
CA ASP A 85 -6.55 -17.39 11.10
C ASP A 85 -6.01 -18.12 9.88
N LEU A 86 -6.89 -18.75 9.15
CA LEU A 86 -6.47 -19.41 7.91
C LEU A 86 -5.56 -18.51 7.08
N HIS A 87 -6.03 -17.31 6.74
CA HIS A 87 -5.29 -16.55 5.75
C HIS A 87 -4.01 -15.99 6.34
N ALA A 88 -4.06 -15.52 7.59
CA ALA A 88 -2.89 -14.90 8.19
C ALA A 88 -1.89 -15.93 8.67
N HIS A 89 -2.32 -16.78 9.60
CA HIS A 89 -1.42 -17.75 10.23
C HIS A 89 -1.09 -18.88 9.28
N LYS A 90 -2.12 -19.63 8.87
CA LYS A 90 -1.95 -20.81 8.05
C LYS A 90 -1.31 -20.43 6.72
N LEU A 91 -2.05 -19.70 5.90
CA LEU A 91 -1.63 -19.52 4.51
C LEU A 91 -0.58 -18.42 4.34
N ARG A 92 -0.40 -17.56 5.35
CA ARG A 92 0.62 -16.49 5.28
C ARG A 92 0.44 -15.63 4.03
N VAL A 93 -0.79 -15.15 3.80
CA VAL A 93 -1.11 -14.40 2.58
C VAL A 93 -0.58 -12.98 2.70
N ASP A 94 0.13 -12.51 1.69
CA ASP A 94 0.61 -11.12 1.68
C ASP A 94 -0.57 -10.16 1.73
N PRO A 95 -0.55 -9.15 2.62
CA PRO A 95 -1.74 -8.27 2.76
C PRO A 95 -2.13 -7.53 1.51
N VAL A 96 -1.17 -7.14 0.67
CA VAL A 96 -1.45 -6.48 -0.60
C VAL A 96 -2.43 -7.27 -1.45
N ASN A 97 -2.41 -8.60 -1.33
CA ASN A 97 -3.20 -9.39 -2.27
C ASN A 97 -4.67 -9.17 -2.06
N PHE A 98 -5.09 -8.80 -0.82
CA PHE A 98 -6.49 -8.51 -0.55
C PHE A 98 -6.95 -7.26 -1.28
N LYS A 99 -6.06 -6.28 -1.51
CA LYS A 99 -6.49 -5.11 -2.28
C LYS A 99 -6.75 -5.51 -3.75
N LEU A 100 -6.00 -6.48 -4.27
CA LEU A 100 -6.13 -6.92 -5.65
C LEU A 100 -7.43 -7.70 -5.87
N LEU A 101 -7.74 -8.66 -5.00
CA LEU A 101 -9.00 -9.38 -5.17
C LEU A 101 -10.19 -8.44 -5.00
N SER A 102 -10.14 -7.63 -3.96
CA SER A 102 -11.19 -6.63 -3.70
C SER A 102 -11.49 -5.82 -4.94
N HIS A 103 -10.45 -5.35 -5.59
CA HIS A 103 -10.61 -4.66 -6.86
C HIS A 103 -11.15 -5.58 -7.97
N CYS A 104 -10.66 -6.80 -8.09
CA CYS A 104 -11.24 -7.67 -9.12
C CYS A 104 -12.70 -7.98 -8.81
N LEU A 105 -13.05 -8.00 -7.52
CA LEU A 105 -14.46 -8.16 -7.12
C LEU A 105 -15.29 -6.91 -7.47
N LEU A 106 -14.71 -5.70 -7.33
CA LEU A 106 -15.51 -4.55 -7.70
C LEU A 106 -15.62 -4.43 -9.23
N VAL A 107 -14.53 -4.75 -9.95
CA VAL A 107 -14.60 -4.85 -11.41
C VAL A 107 -15.67 -5.85 -11.83
N THR A 108 -15.68 -7.02 -11.20
CA THR A 108 -16.69 -8.00 -11.60
C THR A 108 -18.12 -7.48 -11.35
N LEU A 109 -18.35 -6.77 -10.23
CA LEU A 109 -19.69 -6.27 -9.96
C LEU A 109 -20.07 -5.21 -10.97
N ALA A 110 -19.20 -4.25 -11.19
CA ALA A 110 -19.37 -3.23 -12.22
C ALA A 110 -19.87 -3.85 -13.52
N ALA A 111 -19.27 -4.96 -13.90
CA ALA A 111 -19.52 -5.53 -15.20
C ALA A 111 -20.84 -6.25 -15.30
N HIS A 112 -21.43 -6.62 -14.16
CA HIS A 112 -22.66 -7.37 -14.13
C HIS A 112 -23.80 -6.60 -13.54
N LEU A 113 -23.56 -5.39 -13.03
CA LEU A 113 -24.61 -4.61 -12.36
C LEU A 113 -24.52 -3.16 -12.82
N PRO A 114 -24.66 -2.91 -14.11
CA PRO A 114 -24.44 -1.54 -14.58
C PRO A 114 -25.40 -0.55 -13.97
N ALA A 115 -26.55 -1.01 -13.52
CA ALA A 115 -27.50 -0.11 -12.90
C ALA A 115 -27.21 0.13 -11.43
N GLU A 116 -26.71 -0.87 -10.73
CA GLU A 116 -26.50 -0.77 -9.29
C GLU A 116 -25.19 -0.12 -8.93
N PHE A 117 -24.23 -0.03 -9.88
CA PHE A 117 -22.86 0.39 -9.60
C PHE A 117 -22.72 1.91 -9.78
N THR A 118 -23.44 2.61 -8.95
CA THR A 118 -23.34 4.05 -8.90
C THR A 118 -22.09 4.46 -8.13
N PRO A 119 -21.64 5.69 -8.28
CA PRO A 119 -20.57 6.21 -7.40
C PRO A 119 -20.84 5.84 -5.94
N ALA A 120 -22.06 6.04 -5.47
CA ALA A 120 -22.34 5.82 -4.06
C ALA A 120 -22.23 4.35 -3.70
N VAL A 121 -22.68 3.48 -4.61
CA VAL A 121 -22.68 2.06 -4.29
C VAL A 121 -21.27 1.50 -4.40
N HIS A 122 -20.51 2.03 -5.35
CA HIS A 122 -19.09 1.69 -5.49
C HIS A 122 -18.33 2.04 -4.22
N ALA A 123 -18.49 3.26 -3.74
CA ALA A 123 -17.80 3.66 -2.50
C ALA A 123 -18.21 2.75 -1.35
N SER A 124 -19.48 2.36 -1.29
CA SER A 124 -19.82 1.55 -0.10
C SER A 124 -19.31 0.13 -0.25
N LEU A 125 -19.25 -0.39 -1.47
CA LEU A 125 -18.74 -1.74 -1.64
C LEU A 125 -17.24 -1.77 -1.35
N ASP A 126 -16.55 -0.72 -1.78
CA ASP A 126 -15.13 -0.59 -1.48
C ASP A 126 -14.87 -0.53 0.02
N LYS A 127 -15.60 0.34 0.73
CA LYS A 127 -15.50 0.38 2.19
C LYS A 127 -15.81 -0.98 2.81
N PHE A 128 -16.84 -1.66 2.33
CA PHE A 128 -17.13 -3.01 2.80
C PHE A 128 -15.95 -3.94 2.54
N LEU A 129 -15.40 -3.93 1.33
CA LEU A 129 -14.38 -4.91 1.02
C LEU A 129 -13.10 -4.55 1.75
N ALA A 130 -12.84 -3.28 1.99
CA ALA A 130 -11.69 -2.94 2.82
C ALA A 130 -11.88 -3.40 4.27
N SER A 131 -13.10 -3.30 4.79
CA SER A 131 -13.34 -3.81 6.16
C SER A 131 -13.13 -5.32 6.26
N VAL A 132 -13.65 -6.09 5.29
CA VAL A 132 -13.40 -7.54 5.28
C VAL A 132 -11.92 -7.83 5.20
N SER A 133 -11.22 -7.13 4.29
CA SER A 133 -9.80 -7.34 4.11
C SER A 133 -9.03 -7.02 5.37
N THR A 134 -9.49 -6.01 6.11
CA THR A 134 -8.87 -5.69 7.40
C THR A 134 -9.00 -6.87 8.35
N VAL A 135 -10.20 -7.41 8.50
CA VAL A 135 -10.36 -8.58 9.35
C VAL A 135 -9.44 -9.71 8.93
N LEU A 136 -9.48 -10.05 7.65
CA LEU A 136 -8.73 -11.22 7.19
C LEU A 136 -7.24 -11.06 7.42
N THR A 137 -6.79 -9.86 7.75
CA THR A 137 -5.37 -9.59 7.93
C THR A 137 -5.03 -9.18 9.34
N SER A 138 -5.96 -9.34 10.30
CA SER A 138 -5.93 -8.79 11.63
C SER A 138 -5.11 -9.63 12.60
N LYS A 139 -4.74 -10.82 12.19
CA LYS A 139 -3.74 -11.67 12.83
C LYS A 139 -2.33 -11.41 12.24
N TYR A 140 -2.03 -10.13 11.96
CA TYR A 140 -0.71 -9.61 11.60
C TYR A 140 -0.40 -8.32 12.38
N ARG A 141 -1.31 -7.88 13.27
CA ARG A 141 -1.38 -6.50 13.80
C ARG A 141 -1.73 -6.42 15.29
N VAL B 1 7.36 -1.60 -20.67
CA VAL B 1 5.98 -2.18 -20.75
C VAL B 1 5.69 -2.85 -22.11
N HIS B 2 5.87 -4.17 -22.15
CA HIS B 2 5.60 -4.95 -23.35
C HIS B 2 4.16 -5.45 -23.29
N LEU B 3 3.30 -4.85 -24.09
CA LEU B 3 2.03 -5.50 -24.41
C LEU B 3 2.28 -6.50 -25.54
N THR B 4 1.77 -7.72 -25.37
CA THR B 4 1.69 -8.64 -26.49
C THR B 4 0.71 -8.08 -27.52
N PRO B 5 0.79 -8.58 -28.76
CA PRO B 5 -0.19 -8.15 -29.79
C PRO B 5 -1.64 -8.38 -29.40
N GLU B 6 -2.00 -9.55 -28.86
CA GLU B 6 -3.40 -9.75 -28.44
C GLU B 6 -3.73 -8.84 -27.24
N GLU B 7 -2.81 -8.65 -26.28
CA GLU B 7 -3.02 -7.59 -25.30
C GLU B 7 -3.26 -6.24 -26.00
N LYS B 8 -2.49 -5.96 -27.05
CA LYS B 8 -2.67 -4.72 -27.78
C LYS B 8 -4.03 -4.66 -28.43
N SER B 9 -4.46 -5.76 -29.06
CA SER B 9 -5.79 -5.81 -29.66
C SER B 9 -6.84 -5.50 -28.62
N ALA B 10 -6.74 -6.16 -27.46
CA ALA B 10 -7.73 -5.99 -26.41
C ALA B 10 -7.88 -4.53 -26.04
N VAL B 11 -6.75 -3.88 -25.75
CA VAL B 11 -6.78 -2.51 -25.27
C VAL B 11 -7.38 -1.60 -26.33
N THR B 12 -6.79 -1.63 -27.55
CA THR B 12 -7.11 -0.65 -28.60
C THR B 12 -8.54 -0.82 -29.08
N ALA B 13 -8.95 -2.07 -29.31
CA ALA B 13 -10.33 -2.33 -29.74
C ALA B 13 -11.30 -1.62 -28.81
N LEU B 14 -11.30 -2.01 -27.54
CA LEU B 14 -12.16 -1.35 -26.57
C LEU B 14 -11.95 0.16 -26.56
N TRP B 15 -10.71 0.61 -26.73
CA TRP B 15 -10.44 2.03 -26.48
C TRP B 15 -11.08 2.95 -27.52
N GLY B 16 -11.34 2.45 -28.74
CA GLY B 16 -11.98 3.22 -29.79
C GLY B 16 -13.46 3.38 -29.58
N LYS B 17 -14.10 2.34 -29.03
CA LYS B 17 -15.51 2.45 -28.65
C LYS B 17 -15.74 3.48 -27.51
N VAL B 18 -14.71 4.07 -26.92
CA VAL B 18 -14.88 4.76 -25.65
C VAL B 18 -15.39 6.15 -25.93
N ASN B 19 -16.46 6.54 -25.24
CA ASN B 19 -16.87 7.93 -25.31
C ASN B 19 -15.89 8.73 -24.47
N VAL B 20 -15.01 9.47 -25.15
CA VAL B 20 -13.89 10.09 -24.47
C VAL B 20 -14.38 11.23 -23.61
N ASP B 21 -15.31 11.99 -24.14
CA ASP B 21 -15.71 13.25 -23.54
C ASP B 21 -16.12 13.22 -22.08
N GLU B 22 -16.18 12.03 -21.48
CA GLU B 22 -16.82 11.95 -20.18
C GLU B 22 -16.47 10.72 -19.35
N VAL B 23 -16.12 9.61 -20.01
CA VAL B 23 -15.58 8.48 -19.26
C VAL B 23 -14.41 8.95 -18.42
N GLY B 24 -13.63 9.88 -18.98
CA GLY B 24 -12.61 10.51 -18.16
C GLY B 24 -13.20 11.20 -16.95
N GLY B 25 -14.23 12.01 -17.17
CA GLY B 25 -14.88 12.70 -16.08
C GLY B 25 -15.58 11.74 -15.13
N GLU B 26 -16.10 10.64 -15.65
CA GLU B 26 -16.67 9.63 -14.75
C GLU B 26 -15.59 9.04 -13.84
N ALA B 27 -14.40 8.78 -14.38
CA ALA B 27 -13.40 8.09 -13.61
C ALA B 27 -12.74 9.00 -12.58
N LEU B 28 -12.59 10.27 -12.88
CA LEU B 28 -11.99 11.19 -11.95
C LEU B 28 -12.94 11.55 -10.82
N GLY B 29 -14.25 11.47 -11.07
CA GLY B 29 -15.22 11.81 -10.06
C GLY B 29 -15.36 10.66 -9.08
N ARG B 30 -15.56 9.47 -9.65
CA ARG B 30 -15.55 8.29 -8.78
C ARG B 30 -14.29 8.27 -7.88
N LEU B 31 -13.15 8.79 -8.34
CA LEU B 31 -11.96 8.80 -7.51
C LEU B 31 -12.18 9.68 -6.28
N LEU B 32 -12.54 10.94 -6.52
CA LEU B 32 -12.87 11.83 -5.42
C LEU B 32 -14.01 11.31 -4.55
N VAL B 33 -14.86 10.46 -5.12
CA VAL B 33 -15.96 9.92 -4.33
C VAL B 33 -15.52 8.69 -3.53
N VAL B 34 -14.72 7.81 -4.13
CA VAL B 34 -14.45 6.54 -3.46
C VAL B 34 -13.33 6.70 -2.44
N TYR B 35 -12.33 7.50 -2.77
CA TYR B 35 -11.16 7.83 -1.95
C TYR B 35 -11.15 9.32 -1.66
N PRO B 36 -11.83 9.76 -0.58
CA PRO B 36 -12.09 11.20 -0.39
C PRO B 36 -10.85 12.04 -0.23
N TRP B 37 -9.77 11.49 0.32
CA TRP B 37 -8.59 12.30 0.53
C TRP B 37 -8.09 12.92 -0.76
N THR B 38 -8.42 12.33 -1.92
CA THR B 38 -7.85 12.83 -3.17
C THR B 38 -8.43 14.18 -3.56
N GLN B 39 -9.51 14.59 -2.90
CA GLN B 39 -10.08 15.90 -3.14
C GLN B 39 -9.13 17.01 -2.74
N ARG B 40 -8.25 16.77 -1.77
CA ARG B 40 -7.28 17.79 -1.39
C ARG B 40 -6.51 18.30 -2.61
N PHE B 41 -6.24 17.44 -3.57
CA PHE B 41 -5.45 17.83 -4.75
C PHE B 41 -6.25 18.69 -5.73
N PHE B 42 -7.55 18.80 -5.46
CA PHE B 42 -8.47 19.67 -6.21
C PHE B 42 -9.14 20.54 -5.17
N GLU B 43 -10.46 20.53 -5.08
CA GLU B 43 -11.30 21.36 -4.22
C GLU B 43 -11.17 22.85 -4.55
N SER B 44 -10.04 23.23 -5.17
CA SER B 44 -10.01 24.38 -6.06
C SER B 44 -10.97 24.20 -7.22
N PHE B 45 -11.31 22.95 -7.54
CA PHE B 45 -12.19 22.64 -8.66
C PHE B 45 -13.62 23.07 -8.42
N GLY B 46 -13.97 23.45 -7.20
CA GLY B 46 -15.31 23.89 -6.93
C GLY B 46 -15.89 23.15 -5.76
N ASP B 47 -17.16 22.80 -5.83
CA ASP B 47 -17.81 22.00 -4.79
C ASP B 47 -17.59 20.51 -5.08
N LEU B 48 -17.08 19.79 -4.07
CA LEU B 48 -16.81 18.35 -4.10
C LEU B 48 -17.47 17.67 -2.88
N SER B 49 -18.76 17.99 -2.62
CA SER B 49 -19.38 17.70 -1.32
C SER B 49 -20.34 16.51 -1.30
N THR B 50 -20.80 16.01 -2.45
CA THR B 50 -21.63 14.81 -2.48
C THR B 50 -21.29 14.05 -3.74
N PRO B 51 -21.61 12.75 -3.80
CA PRO B 51 -21.50 12.01 -5.07
C PRO B 51 -22.06 12.81 -6.22
N ASP B 52 -23.36 13.10 -6.14
CA ASP B 52 -24.05 13.94 -7.11
C ASP B 52 -23.20 15.16 -7.48
N ALA B 53 -22.66 15.87 -6.48
CA ALA B 53 -21.89 17.08 -6.79
C ALA B 53 -20.62 16.77 -7.58
N VAL B 54 -19.78 15.85 -7.07
CA VAL B 54 -18.52 15.58 -7.74
C VAL B 54 -18.78 15.15 -9.18
N MET B 55 -19.75 14.23 -9.36
CA MET B 55 -20.05 13.74 -10.71
C MET B 55 -20.41 14.92 -11.63
N GLY B 56 -21.11 15.92 -11.08
CA GLY B 56 -21.53 17.04 -11.91
C GLY B 56 -20.48 18.08 -12.15
N ASN B 57 -19.56 18.27 -11.20
CA ASN B 57 -18.64 19.39 -11.24
C ASN B 57 -18.06 19.51 -12.63
N PRO B 58 -18.09 20.69 -13.23
CA PRO B 58 -17.49 20.83 -14.56
C PRO B 58 -15.99 20.62 -14.62
N LYS B 59 -15.21 21.11 -13.65
CA LYS B 59 -13.76 20.96 -13.78
C LYS B 59 -13.35 19.49 -13.61
N VAL B 60 -14.06 18.75 -12.75
CA VAL B 60 -13.93 17.30 -12.76
C VAL B 60 -14.05 16.79 -14.19
N LYS B 61 -15.21 17.04 -14.84
CA LYS B 61 -15.42 16.53 -16.20
C LYS B 61 -14.31 16.97 -17.17
N ALA B 62 -13.87 18.24 -17.08
CA ALA B 62 -12.82 18.73 -17.97
C ALA B 62 -11.52 17.96 -17.76
N HIS B 63 -11.07 17.86 -16.51
CA HIS B 63 -9.83 17.14 -16.28
C HIS B 63 -10.01 15.65 -16.50
N GLY B 64 -11.24 15.14 -16.37
CA GLY B 64 -11.50 13.82 -16.90
C GLY B 64 -10.97 13.65 -18.30
N LYS B 65 -11.24 14.62 -19.18
CA LYS B 65 -10.82 14.48 -20.57
C LYS B 65 -9.29 14.47 -20.68
N LYS B 66 -8.63 15.45 -20.03
CA LYS B 66 -7.17 15.48 -20.03
C LYS B 66 -6.60 14.13 -19.63
N VAL B 67 -7.15 13.58 -18.53
CA VAL B 67 -6.73 12.29 -18.00
C VAL B 67 -6.86 11.21 -19.05
N LEU B 68 -8.04 11.09 -19.66
CA LEU B 68 -8.17 10.15 -20.78
C LEU B 68 -7.12 10.44 -21.84
N GLY B 69 -6.87 11.74 -22.11
CA GLY B 69 -5.86 12.10 -23.10
C GLY B 69 -4.48 11.58 -22.73
N ALA B 70 -4.06 11.80 -21.48
CA ALA B 70 -2.79 11.24 -21.06
C ALA B 70 -2.74 9.74 -21.33
N PHE B 71 -3.90 9.05 -21.24
CA PHE B 71 -3.90 7.61 -21.37
C PHE B 71 -3.67 7.18 -22.82
N SER B 72 -4.41 7.78 -23.74
CA SER B 72 -4.22 7.43 -25.15
C SER B 72 -2.77 7.65 -25.56
N ASP B 73 -2.14 8.69 -25.01
CA ASP B 73 -0.75 9.00 -25.38
C ASP B 73 0.22 8.03 -24.76
N GLY B 74 -0.09 7.50 -23.57
CA GLY B 74 0.71 6.40 -23.05
C GLY B 74 0.50 5.14 -23.87
N LEU B 75 -0.74 4.89 -24.32
CA LEU B 75 -1.02 3.80 -25.25
C LEU B 75 -0.12 3.90 -26.50
N ALA B 76 -0.03 5.10 -27.09
CA ALA B 76 0.79 5.33 -28.26
C ALA B 76 2.27 5.55 -27.92
N HIS B 77 2.75 5.23 -26.71
CA HIS B 77 4.16 5.44 -26.38
C HIS B 77 4.59 4.50 -25.25
N LEU B 78 4.38 3.20 -25.42
CA LEU B 78 4.54 2.27 -24.31
C LEU B 78 6.02 2.10 -23.92
N ASP B 79 6.89 1.78 -24.88
CA ASP B 79 8.22 1.29 -24.51
C ASP B 79 9.08 2.35 -23.83
N ASN B 80 8.88 3.62 -24.16
CA ASN B 80 9.46 4.74 -23.42
C ASN B 80 8.29 5.57 -22.89
N LEU B 81 7.56 5.00 -21.92
CA LEU B 81 6.46 5.71 -21.29
C LEU B 81 6.96 6.93 -20.56
N LYS B 82 8.01 6.75 -19.75
CA LYS B 82 8.65 7.88 -19.08
C LYS B 82 8.93 9.00 -20.07
N GLY B 83 9.40 8.65 -21.26
CA GLY B 83 9.67 9.61 -22.32
C GLY B 83 8.42 10.12 -23.01
N THR B 84 7.30 10.10 -22.26
CA THR B 84 6.02 10.58 -22.75
C THR B 84 5.28 11.36 -21.66
N PHE B 85 5.22 10.79 -20.46
CA PHE B 85 4.71 11.50 -19.29
C PHE B 85 5.76 12.39 -18.66
N ALA B 86 6.76 12.74 -19.47
CA ALA B 86 7.75 13.71 -19.04
C ALA B 86 7.18 15.14 -19.13
N THR B 87 6.85 15.60 -20.35
CA THR B 87 6.19 16.90 -20.45
C THR B 87 5.04 16.98 -19.45
N LEU B 88 4.37 15.85 -19.19
CA LEU B 88 3.18 15.83 -18.34
C LEU B 88 3.50 16.24 -16.92
N SER B 89 4.35 15.47 -16.23
CA SER B 89 4.64 15.81 -14.84
C SER B 89 5.35 17.16 -14.74
N GLU B 90 6.16 17.51 -15.75
CA GLU B 90 6.96 18.73 -15.68
C GLU B 90 6.08 19.97 -15.75
N LEU B 91 5.13 19.99 -16.70
CA LEU B 91 4.26 21.15 -16.89
C LEU B 91 3.36 21.42 -15.70
N HIS B 92 3.31 20.48 -14.75
CA HIS B 92 2.48 20.56 -13.56
C HIS B 92 3.21 21.15 -12.36
N CYS B 93 4.54 21.34 -12.43
CA CYS B 93 5.32 21.82 -11.30
C CYS B 93 5.31 20.76 -10.17
N ASP B 94 4.47 20.98 -9.16
CA ASP B 94 4.29 20.05 -8.05
C ASP B 94 2.79 19.77 -7.83
N LYS B 95 2.06 19.52 -8.93
CA LYS B 95 0.67 19.07 -8.87
C LYS B 95 0.56 17.54 -8.83
N LEU B 96 1.46 16.83 -9.55
CA LEU B 96 1.55 15.38 -9.49
C LEU B 96 2.56 14.90 -8.43
N HIS B 97 2.95 15.80 -7.52
CA HIS B 97 3.84 15.50 -6.39
C HIS B 97 3.04 14.86 -5.26
N VAL B 98 2.47 13.68 -5.55
CA VAL B 98 1.68 12.91 -4.59
C VAL B 98 2.06 11.43 -4.71
N ASP B 99 1.68 10.66 -3.70
CA ASP B 99 2.17 9.29 -3.63
C ASP B 99 1.82 8.56 -4.93
N PRO B 100 2.74 7.77 -5.47
CA PRO B 100 2.38 6.90 -6.62
C PRO B 100 1.13 6.10 -6.40
N GLU B 101 0.80 5.74 -5.17
CA GLU B 101 -0.37 4.90 -4.90
C GLU B 101 -1.60 5.51 -5.57
N ASN B 102 -1.77 6.83 -5.45
CA ASN B 102 -2.97 7.49 -5.93
C ASN B 102 -3.08 7.46 -7.46
N PHE B 103 -1.96 7.51 -8.19
CA PHE B 103 -2.00 7.20 -9.63
C PHE B 103 -2.53 5.78 -9.87
N ARG B 104 -2.13 4.80 -9.04
CA ARG B 104 -2.66 3.44 -9.20
C ARG B 104 -4.15 3.34 -8.81
N LEU B 105 -4.58 4.09 -7.80
CA LEU B 105 -6.01 4.14 -7.50
C LEU B 105 -6.79 4.74 -8.69
N LEU B 106 -6.27 5.80 -9.29
CA LEU B 106 -6.99 6.35 -10.43
C LEU B 106 -7.11 5.31 -11.53
N GLY B 107 -6.03 4.59 -11.81
CA GLY B 107 -6.09 3.48 -12.75
C GLY B 107 -7.18 2.45 -12.45
N ASN B 108 -7.20 1.94 -11.23
CA ASN B 108 -8.21 0.94 -10.89
C ASN B 108 -9.63 1.49 -11.04
N VAL B 109 -9.88 2.72 -10.58
CA VAL B 109 -11.19 3.34 -10.75
C VAL B 109 -11.59 3.36 -12.23
N LEU B 110 -10.69 3.83 -13.09
CA LEU B 110 -10.89 3.77 -14.53
C LEU B 110 -11.23 2.36 -15.01
N VAL B 111 -10.47 1.35 -14.54
CA VAL B 111 -10.77 -0.02 -14.90
C VAL B 111 -12.19 -0.33 -14.49
N CYS B 112 -12.59 0.09 -13.28
CA CYS B 112 -13.99 -0.12 -12.85
C CYS B 112 -14.99 0.55 -13.79
N VAL B 113 -14.68 1.76 -14.29
CA VAL B 113 -15.64 2.51 -15.11
C VAL B 113 -15.65 1.94 -16.53
N LEU B 114 -14.58 1.29 -16.93
CA LEU B 114 -14.55 0.69 -18.24
C LEU B 114 -15.38 -0.58 -18.22
N ALA B 115 -15.17 -1.40 -17.19
CA ALA B 115 -15.99 -2.58 -16.97
C ALA B 115 -17.46 -2.22 -16.84
N HIS B 116 -17.74 -1.10 -16.18
CA HIS B 116 -19.11 -0.61 -15.98
C HIS B 116 -19.78 -0.31 -17.30
N HIS B 117 -19.06 0.30 -18.22
CA HIS B 117 -19.66 0.70 -19.48
C HIS B 117 -19.70 -0.46 -20.46
N PHE B 118 -18.72 -1.37 -20.40
CA PHE B 118 -18.64 -2.47 -21.36
C PHE B 118 -19.17 -3.80 -20.81
N GLY B 119 -19.60 -3.85 -19.55
CA GLY B 119 -19.99 -5.14 -18.97
C GLY B 119 -19.27 -6.32 -19.59
N LYS B 120 -20.04 -7.21 -20.22
CA LYS B 120 -19.51 -8.50 -20.67
C LYS B 120 -18.29 -8.34 -21.58
N GLU B 121 -18.23 -7.28 -22.39
CA GLU B 121 -17.07 -7.13 -23.27
C GLU B 121 -15.76 -6.93 -22.51
N PHE B 122 -15.81 -6.53 -21.25
CA PHE B 122 -14.61 -6.30 -20.45
C PHE B 122 -14.27 -7.61 -19.74
N THR B 123 -13.76 -8.55 -20.54
CA THR B 123 -13.48 -9.89 -20.04
C THR B 123 -12.24 -9.86 -19.19
N PRO B 124 -11.93 -10.93 -18.46
CA PRO B 124 -10.76 -10.89 -17.57
C PRO B 124 -9.48 -10.71 -18.36
N PRO B 125 -9.38 -11.33 -19.53
CA PRO B 125 -8.20 -11.03 -20.37
C PRO B 125 -8.15 -9.60 -20.84
N VAL B 126 -9.28 -8.98 -21.21
CA VAL B 126 -9.21 -7.55 -21.58
C VAL B 126 -8.80 -6.71 -20.38
N GLN B 127 -9.42 -6.97 -19.22
CA GLN B 127 -9.01 -6.30 -17.98
C GLN B 127 -7.49 -6.40 -17.77
N ALA B 128 -6.91 -7.61 -17.89
CA ALA B 128 -5.50 -7.79 -17.57
C ALA B 128 -4.58 -6.95 -18.47
N ALA B 129 -4.90 -6.84 -19.77
CA ALA B 129 -4.13 -5.97 -20.65
C ALA B 129 -4.13 -4.54 -20.14
N TYR B 130 -5.29 -4.08 -19.67
CA TYR B 130 -5.41 -2.72 -19.17
C TYR B 130 -4.70 -2.53 -17.83
N GLN B 131 -4.69 -3.55 -16.98
CA GLN B 131 -3.91 -3.44 -15.76
C GLN B 131 -2.43 -3.25 -16.08
N LYS B 132 -1.90 -3.98 -17.07
CA LYS B 132 -0.50 -3.76 -17.45
C LYS B 132 -0.28 -2.27 -17.72
N VAL B 133 -1.19 -1.67 -18.48
CA VAL B 133 -1.06 -0.30 -18.95
C VAL B 133 -1.12 0.70 -17.79
N VAL B 134 -2.21 0.67 -17.01
CA VAL B 134 -2.29 1.61 -15.88
C VAL B 134 -1.04 1.54 -15.04
N ALA B 135 -0.52 0.31 -14.86
CA ALA B 135 0.68 0.14 -14.05
C ALA B 135 1.88 0.88 -14.67
N GLY B 136 2.14 0.69 -15.96
CA GLY B 136 3.28 1.36 -16.55
C GLY B 136 3.12 2.86 -16.48
N VAL B 137 1.90 3.33 -16.70
CA VAL B 137 1.63 4.76 -16.62
C VAL B 137 1.91 5.28 -15.23
N ALA B 138 1.24 4.72 -14.23
CA ALA B 138 1.48 5.14 -12.86
C ALA B 138 2.97 5.17 -12.52
N ASN B 139 3.69 4.12 -12.88
CA ASN B 139 5.12 4.08 -12.63
C ASN B 139 5.88 5.10 -13.46
N ALA B 140 5.31 5.55 -14.57
CA ALA B 140 5.92 6.65 -15.32
C ALA B 140 5.77 7.97 -14.58
N LEU B 141 4.52 8.36 -14.28
CA LEU B 141 4.28 9.67 -13.68
C LEU B 141 5.09 9.94 -12.41
N ALA B 142 5.47 8.91 -11.68
CA ALA B 142 5.94 9.09 -10.33
C ALA B 142 7.43 9.40 -10.28
N VAL C 1 -6.55 -7.74 18.39
CA VAL C 1 -5.47 -8.01 17.38
C VAL C 1 -4.12 -7.99 18.11
N LEU C 2 -4.02 -7.12 19.13
CA LEU C 2 -2.76 -6.91 19.85
C LEU C 2 -2.66 -7.84 21.05
N SER C 3 -1.68 -8.71 21.02
CA SER C 3 -1.59 -9.74 22.01
C SER C 3 -1.22 -9.14 23.35
N PRO C 4 -1.35 -9.92 24.44
CA PRO C 4 -0.84 -9.46 25.74
C PRO C 4 0.64 -9.10 25.73
N ALA C 5 1.43 -9.82 24.92
CA ALA C 5 2.87 -9.58 24.86
C ALA C 5 3.23 -8.41 23.94
N ASP C 6 2.45 -8.12 22.89
CA ASP C 6 2.58 -6.80 22.22
C ASP C 6 2.34 -5.66 23.22
N LYS C 7 1.22 -5.74 23.96
CA LYS C 7 0.92 -4.72 24.94
C LYS C 7 2.05 -4.57 25.96
N THR C 8 2.73 -5.66 26.32
CA THR C 8 3.82 -5.55 27.29
C THR C 8 4.99 -4.88 26.62
N ASN C 9 5.32 -5.32 25.41
CA ASN C 9 6.43 -4.75 24.64
C ASN C 9 6.21 -3.26 24.38
N VAL C 10 5.01 -2.88 23.94
CA VAL C 10 4.82 -1.47 23.64
C VAL C 10 4.92 -0.60 24.92
N LYS C 11 4.22 -0.99 26.00
CA LYS C 11 4.34 -0.23 27.25
C LYS C 11 5.80 -0.19 27.74
N ALA C 12 6.51 -1.31 27.62
CA ALA C 12 7.93 -1.27 27.94
C ALA C 12 8.65 -0.18 27.12
N ALA C 13 8.50 -0.25 25.78
CA ALA C 13 9.22 0.66 24.89
C ALA C 13 8.90 2.13 25.19
N TRP C 14 7.63 2.45 25.39
CA TRP C 14 7.29 3.81 25.79
C TRP C 14 7.90 4.14 27.15
N GLY C 15 7.93 3.18 28.06
CA GLY C 15 8.59 3.39 29.34
C GLY C 15 9.93 4.06 29.19
N LYS C 16 10.82 3.44 28.41
CA LYS C 16 12.18 3.95 28.33
C LYS C 16 12.26 5.29 27.61
N VAL C 17 11.38 5.53 26.64
CA VAL C 17 11.29 6.86 26.02
C VAL C 17 11.20 7.94 27.09
N GLY C 18 10.44 7.66 28.16
CA GLY C 18 10.20 8.63 29.20
C GLY C 18 9.88 10.01 28.67
N ALA C 19 10.44 11.01 29.33
CA ALA C 19 10.24 12.40 28.93
C ALA C 19 10.78 12.74 27.53
N HIS C 20 11.59 11.92 26.95
CA HIS C 20 11.99 12.21 25.57
C HIS C 20 10.82 11.98 24.54
N ALA C 21 9.61 11.79 25.09
CA ALA C 21 8.37 11.70 24.35
C ALA C 21 8.25 12.75 23.25
N GLY C 22 7.93 13.98 23.62
CA GLY C 22 7.75 15.01 22.61
C GLY C 22 8.93 15.11 21.67
N GLU C 23 10.15 15.09 22.21
CA GLU C 23 11.34 15.22 21.40
C GLU C 23 11.33 14.20 20.27
N TYR C 24 11.06 12.95 20.63
CA TYR C 24 11.18 11.86 19.68
C TYR C 24 10.05 11.94 18.64
N GLY C 25 8.91 12.49 19.02
CA GLY C 25 7.89 12.78 18.05
C GLY C 25 8.31 13.90 17.12
N ALA C 26 8.95 14.93 17.66
CA ALA C 26 9.49 15.99 16.82
C ALA C 26 10.41 15.41 15.77
N GLU C 27 11.35 14.56 16.20
CA GLU C 27 12.36 14.03 15.29
C GLU C 27 11.75 13.10 14.26
N ALA C 28 10.74 12.30 14.67
CA ALA C 28 10.02 11.43 13.74
C ALA C 28 9.34 12.26 12.66
N LEU C 29 8.75 13.37 13.04
CA LEU C 29 8.21 14.25 12.04
C LEU C 29 9.27 14.77 11.10
N GLU C 30 10.45 15.13 11.63
CA GLU C 30 11.47 15.69 10.77
C GLU C 30 12.03 14.63 9.84
N ARG C 31 12.09 13.40 10.32
CA ARG C 31 12.49 12.32 9.45
C ARG C 31 11.46 12.14 8.34
N MET C 32 10.18 12.26 8.69
CA MET C 32 9.13 12.15 7.70
C MET C 32 9.18 13.30 6.72
N PHE C 33 9.40 14.52 7.20
CA PHE C 33 9.39 15.65 6.26
C PHE C 33 10.61 15.60 5.33
N LEU C 34 11.77 15.18 5.83
CA LEU C 34 12.95 15.10 4.98
C LEU C 34 12.97 13.84 4.09
N SER C 35 12.49 12.71 4.60
CA SER C 35 12.55 11.49 3.81
C SER C 35 11.38 11.38 2.84
N PHE C 36 10.25 12.00 3.15
CA PHE C 36 9.02 11.77 2.37
C PHE C 36 8.40 13.12 2.09
N PRO C 37 8.99 13.89 1.18
CA PRO C 37 8.75 15.34 1.15
C PRO C 37 7.38 15.73 0.72
N THR C 38 6.63 14.85 0.04
CA THR C 38 5.21 15.06 -0.16
C THR C 38 4.49 15.35 1.13
N THR C 39 4.97 14.80 2.24
CA THR C 39 4.20 14.96 3.46
C THR C 39 4.14 16.42 3.89
N LYS C 40 5.04 17.27 3.37
CA LYS C 40 5.11 18.64 3.85
C LYS C 40 3.89 19.47 3.43
N THR C 41 3.18 19.07 2.38
CA THR C 41 1.97 19.81 1.96
C THR C 41 0.96 19.91 3.08
N TYR C 42 0.89 18.94 3.97
CA TYR C 42 -0.07 19.11 5.05
C TYR C 42 0.29 20.20 6.04
N PHE C 43 1.52 20.73 6.04
CA PHE C 43 1.95 21.69 7.07
C PHE C 43 2.56 22.91 6.37
N PRO C 44 1.73 23.74 5.80
CA PRO C 44 2.28 24.86 5.01
C PRO C 44 2.60 26.05 5.87
N HIS C 45 1.66 26.28 6.79
CA HIS C 45 1.74 27.26 7.85
C HIS C 45 2.77 26.90 8.92
N PHE C 46 3.49 25.79 8.72
CA PHE C 46 4.59 25.36 9.58
C PHE C 46 5.89 25.76 8.92
N ASP C 47 6.81 26.27 9.73
CA ASP C 47 8.22 26.22 9.40
C ASP C 47 8.75 24.85 9.81
N LEU C 48 9.28 24.11 8.85
CA LEU C 48 9.63 22.71 9.03
C LEU C 48 11.14 22.47 9.11
N SER C 49 11.89 23.52 9.39
CA SER C 49 13.34 23.45 9.47
C SER C 49 13.76 22.89 10.83
N HIS C 50 15.03 22.51 10.92
CA HIS C 50 15.52 21.89 12.14
C HIS C 50 15.38 22.85 13.31
N GLY C 51 14.88 22.33 14.43
CA GLY C 51 14.66 23.15 15.60
C GLY C 51 13.44 24.06 15.54
N SER C 52 12.61 23.96 14.51
CA SER C 52 11.31 24.60 14.54
C SER C 52 10.63 24.41 15.89
N ALA C 53 10.21 25.53 16.49
CA ALA C 53 9.35 25.46 17.66
C ALA C 53 8.03 24.79 17.32
N GLN C 54 7.62 24.85 16.05
CA GLN C 54 6.31 24.31 15.66
C GLN C 54 6.37 22.80 15.51
N VAL C 55 7.49 22.28 15.02
CA VAL C 55 7.66 20.84 14.89
C VAL C 55 7.87 20.17 16.22
N LYS C 56 8.36 20.92 17.23
CA LYS C 56 8.46 20.39 18.59
C LYS C 56 7.11 20.29 19.26
N GLY C 57 6.31 21.37 19.24
CA GLY C 57 4.97 21.30 19.83
C GLY C 57 4.11 20.24 19.17
N HIS C 58 4.03 20.27 17.83
CA HIS C 58 3.27 19.25 17.16
C HIS C 58 3.86 17.86 17.48
N GLY C 59 5.19 17.73 17.37
CA GLY C 59 5.87 16.52 17.79
C GLY C 59 5.52 16.07 19.20
N LYS C 60 5.14 17.00 20.05
CA LYS C 60 4.70 16.63 21.40
C LYS C 60 3.23 16.27 21.41
N LYS C 61 2.44 16.92 20.56
CA LYS C 61 1.04 16.54 20.35
C LYS C 61 0.92 15.12 19.83
N VAL C 62 1.71 14.78 18.81
CA VAL C 62 1.70 13.41 18.29
C VAL C 62 2.16 12.41 19.36
N ALA C 63 3.17 12.78 20.17
CA ALA C 63 3.69 11.84 21.16
C ALA C 63 2.66 11.56 22.26
N ASP C 64 1.88 12.57 22.66
CA ASP C 64 0.80 12.37 23.62
C ASP C 64 -0.42 11.69 22.98
N ALA C 65 -0.72 11.90 21.70
CA ALA C 65 -1.81 11.09 21.12
C ALA C 65 -1.50 9.60 21.26
N LEU C 66 -0.25 9.22 20.97
CA LEU C 66 0.20 7.82 20.95
C LEU C 66 0.31 7.23 22.36
N THR C 67 0.88 7.99 23.27
CA THR C 67 0.85 7.59 24.66
C THR C 67 -0.58 7.35 25.13
N ASN C 68 -1.51 8.19 24.68
CA ASN C 68 -2.91 7.99 25.01
C ASN C 68 -3.44 6.68 24.45
N ALA C 69 -3.06 6.33 23.20
CA ALA C 69 -3.48 5.04 22.65
C ALA C 69 -2.91 3.89 23.47
N VAL C 70 -1.65 4.02 23.88
CA VAL C 70 -1.01 3.02 24.73
C VAL C 70 -1.79 2.87 26.02
N ALA C 71 -2.16 4.01 26.62
CA ALA C 71 -2.86 4.00 27.90
C ALA C 71 -4.24 3.40 27.76
N HIS C 72 -4.78 3.41 26.55
CA HIS C 72 -6.12 2.92 26.30
C HIS C 72 -6.11 1.96 25.12
N VAL C 73 -5.11 1.08 25.11
CA VAL C 73 -4.83 0.17 24.00
C VAL C 73 -6.03 -0.72 23.68
N ASP C 74 -6.77 -1.12 24.69
CA ASP C 74 -7.92 -1.98 24.46
C ASP C 74 -9.16 -1.22 23.99
N ASP C 75 -9.12 0.11 23.92
CA ASP C 75 -10.23 0.85 23.34
C ASP C 75 -9.73 2.03 22.50
N MET C 76 -8.85 1.75 21.55
CA MET C 76 -8.26 2.81 20.74
C MET C 76 -9.26 3.59 19.90
N PRO C 77 -10.33 3.00 19.37
CA PRO C 77 -11.23 3.78 18.50
C PRO C 77 -11.96 4.87 19.26
N ASN C 78 -12.47 4.54 20.44
CA ASN C 78 -13.06 5.58 21.27
C ASN C 78 -12.03 6.64 21.65
N ALA C 79 -10.81 6.22 22.02
CA ALA C 79 -9.81 7.16 22.48
C ALA C 79 -9.43 8.11 21.36
N LEU C 80 -8.99 7.52 20.26
CA LEU C 80 -8.61 8.23 19.06
C LEU C 80 -9.81 8.70 18.24
N SER C 81 -11.01 8.69 18.84
CA SER C 81 -12.20 9.02 18.07
C SER C 81 -12.04 10.38 17.37
N ALA C 82 -11.74 11.41 18.17
CA ALA C 82 -11.66 12.77 17.71
C ALA C 82 -10.50 12.99 16.76
N LEU C 83 -9.45 12.16 16.83
CA LEU C 83 -8.37 12.32 15.87
C LEU C 83 -8.64 11.58 14.57
N SER C 84 -9.33 10.40 14.62
CA SER C 84 -9.88 9.81 13.39
C SER C 84 -10.63 10.87 12.58
N ASP C 85 -11.53 11.58 13.27
CA ASP C 85 -12.36 12.61 12.64
C ASP C 85 -11.53 13.74 12.10
N LEU C 86 -10.65 14.30 12.94
CA LEU C 86 -9.70 15.30 12.44
C LEU C 86 -8.99 14.76 11.19
N HIS C 87 -8.36 13.59 11.28
CA HIS C 87 -7.45 13.27 10.19
C HIS C 87 -8.17 12.88 8.90
N ALA C 88 -9.33 12.24 8.96
CA ALA C 88 -9.92 11.82 7.68
C ALA C 88 -10.86 12.86 7.08
N HIS C 89 -11.70 13.49 7.90
CA HIS C 89 -12.67 14.46 7.41
C HIS C 89 -12.06 15.84 7.20
N LYS C 90 -11.56 16.45 8.27
CA LYS C 90 -11.04 17.81 8.15
C LYS C 90 -9.80 17.84 7.25
N LEU C 91 -8.76 17.13 7.66
CA LEU C 91 -7.49 17.25 6.97
C LEU C 91 -7.42 16.39 5.70
N ARG C 92 -8.27 15.37 5.57
CA ARG C 92 -8.24 14.48 4.40
C ARG C 92 -6.84 13.91 4.17
N VAL C 93 -6.24 13.31 5.21
CA VAL C 93 -4.90 12.77 5.06
C VAL C 93 -4.94 11.53 4.19
N ASP C 94 -4.02 11.43 3.26
CA ASP C 94 -3.89 10.21 2.46
C ASP C 94 -3.44 9.05 3.35
N PRO C 95 -4.14 7.91 3.35
CA PRO C 95 -3.77 6.82 4.28
C PRO C 95 -2.32 6.37 4.21
N VAL C 96 -1.69 6.39 3.03
CA VAL C 96 -0.31 5.97 2.86
C VAL C 96 0.62 6.74 3.77
N ASN C 97 0.21 7.94 4.18
CA ASN C 97 1.14 8.77 4.92
C ASN C 97 1.27 8.30 6.34
N PHE C 98 0.21 7.71 6.90
CA PHE C 98 0.35 7.02 8.18
C PHE C 98 1.43 5.94 8.12
N LYS C 99 1.56 5.21 7.01
CA LYS C 99 2.62 4.20 6.99
C LYS C 99 4.00 4.85 7.09
N LEU C 100 4.13 6.04 6.51
CA LEU C 100 5.41 6.73 6.48
C LEU C 100 5.77 7.27 7.85
N LEU C 101 4.83 7.92 8.54
CA LEU C 101 5.14 8.39 9.88
C LEU C 101 5.49 7.23 10.79
N SER C 102 4.71 6.14 10.68
CA SER C 102 4.95 4.95 11.48
C SER C 102 6.40 4.49 11.34
N HIS C 103 6.84 4.38 10.09
CA HIS C 103 8.22 4.00 9.80
C HIS C 103 9.23 4.97 10.42
N CYS C 104 8.98 6.29 10.31
CA CYS C 104 9.92 7.27 10.88
C CYS C 104 9.92 7.23 12.40
N LEU C 105 8.77 6.89 12.97
CA LEU C 105 8.69 6.68 14.41
C LEU C 105 9.44 5.43 14.84
N LEU C 106 9.29 4.32 14.09
CA LEU C 106 10.05 3.12 14.41
C LEU C 106 11.53 3.41 14.26
N VAL C 107 11.91 4.25 13.26
CA VAL C 107 13.33 4.55 13.04
C VAL C 107 13.86 5.42 14.17
N THR C 108 13.08 6.42 14.59
CA THR C 108 13.45 7.21 15.76
C THR C 108 13.66 6.38 17.03
N LEU C 109 12.79 5.39 17.31
CA LEU C 109 12.96 4.61 18.54
C LEU C 109 14.20 3.73 18.43
N ALA C 110 14.37 3.11 17.26
CA ALA C 110 15.55 2.30 16.99
C ALA C 110 16.81 3.07 17.33
N ALA C 111 16.81 4.35 16.98
CA ALA C 111 18.01 5.13 17.16
C ALA C 111 18.22 5.54 18.59
N HIS C 112 17.20 5.50 19.42
CA HIS C 112 17.25 6.07 20.74
C HIS C 112 17.20 5.03 21.81
N LEU C 113 16.93 3.79 21.43
CA LEU C 113 16.74 2.69 22.38
C LEU C 113 17.34 1.44 21.78
N PRO C 114 18.67 1.44 21.61
CA PRO C 114 19.33 0.25 21.01
C PRO C 114 19.05 -1.08 21.72
N ALA C 115 18.94 -1.05 23.04
CA ALA C 115 18.74 -2.28 23.78
C ALA C 115 17.32 -2.77 23.72
N GLU C 116 16.35 -1.85 23.62
CA GLU C 116 14.95 -2.22 23.67
C GLU C 116 14.37 -2.64 22.35
N PHE C 117 15.03 -2.30 21.24
CA PHE C 117 14.54 -2.56 19.89
C PHE C 117 15.02 -3.92 19.40
N THR C 118 14.58 -4.92 20.15
CA THR C 118 14.72 -6.31 19.74
C THR C 118 13.79 -6.60 18.55
N PRO C 119 14.04 -7.68 17.81
CA PRO C 119 13.08 -8.07 16.77
C PRO C 119 11.68 -8.17 17.34
N ALA C 120 11.53 -8.84 18.47
CA ALA C 120 10.21 -9.01 19.03
C ALA C 120 9.58 -7.65 19.30
N VAL C 121 10.36 -6.74 19.85
CA VAL C 121 9.78 -5.46 20.26
C VAL C 121 9.43 -4.63 19.04
N HIS C 122 10.26 -4.70 18.02
CA HIS C 122 10.02 -4.02 16.76
C HIS C 122 8.71 -4.48 16.13
N ALA C 123 8.50 -5.78 16.05
CA ALA C 123 7.21 -6.33 15.63
C ALA C 123 6.05 -5.75 16.42
N SER C 124 6.19 -5.72 17.73
CA SER C 124 5.04 -5.25 18.52
C SER C 124 4.78 -3.78 18.27
N LEU C 125 5.85 -2.99 18.15
CA LEU C 125 5.69 -1.57 17.91
C LEU C 125 5.11 -1.36 16.51
N ASP C 126 5.52 -2.17 15.55
CA ASP C 126 4.93 -2.08 14.23
C ASP C 126 3.42 -2.39 14.27
N LYS C 127 3.05 -3.44 14.99
CA LYS C 127 1.62 -3.77 15.11
C LYS C 127 0.86 -2.68 15.84
N PHE C 128 1.42 -2.15 16.92
CA PHE C 128 0.73 -1.08 17.62
C PHE C 128 0.51 0.12 16.70
N LEU C 129 1.55 0.53 15.96
CA LEU C 129 1.43 1.67 15.08
C LEU C 129 0.48 1.34 13.94
N ALA C 130 0.42 0.09 13.51
CA ALA C 130 -0.52 -0.23 12.44
C ALA C 130 -1.96 -0.14 12.94
N SER C 131 -2.22 -0.58 14.17
CA SER C 131 -3.55 -0.42 14.75
C SER C 131 -3.94 1.06 14.93
N VAL C 132 -3.00 1.89 15.37
CA VAL C 132 -3.28 3.33 15.52
C VAL C 132 -3.59 3.95 14.19
N SER C 133 -2.76 3.63 13.17
CA SER C 133 -3.04 4.10 11.82
C SER C 133 -4.38 3.58 11.34
N THR C 134 -4.76 2.37 11.71
CA THR C 134 -6.05 1.86 11.24
C THR C 134 -7.17 2.70 11.84
N VAL C 135 -7.02 3.06 13.10
CA VAL C 135 -7.99 3.94 13.72
C VAL C 135 -8.02 5.28 13.05
N LEU C 136 -6.84 5.91 12.91
CA LEU C 136 -6.80 7.25 12.34
C LEU C 136 -7.40 7.30 10.91
N THR C 137 -7.51 6.20 10.21
CA THR C 137 -7.95 6.20 8.83
C THR C 137 -9.28 5.47 8.63
N SER C 138 -10.03 5.22 9.73
CA SER C 138 -11.17 4.32 9.75
C SER C 138 -12.44 5.00 9.27
N LYS C 139 -12.51 6.34 9.37
CA LYS C 139 -13.57 7.15 8.76
C LYS C 139 -13.31 7.40 7.25
N TYR C 140 -12.74 6.38 6.58
CA TYR C 140 -12.70 6.26 5.14
C TYR C 140 -13.30 4.93 4.70
N ARG C 141 -13.66 4.06 5.66
CA ARG C 141 -13.83 2.60 5.49
C ARG C 141 -15.11 2.09 6.14
N VAL D 1 16.73 8.51 -9.78
CA VAL D 1 17.60 8.31 -8.58
C VAL D 1 18.92 9.07 -8.70
N HIS D 2 18.83 10.38 -8.80
CA HIS D 2 20.01 11.23 -8.74
C HIS D 2 20.22 11.60 -7.29
N LEU D 3 21.32 11.14 -6.73
CA LEU D 3 21.72 11.58 -5.41
C LEU D 3 22.62 12.79 -5.57
N THR D 4 22.34 13.86 -4.80
CA THR D 4 23.27 14.97 -4.72
C THR D 4 24.51 14.54 -3.98
N PRO D 5 25.63 15.28 -4.14
CA PRO D 5 26.88 14.88 -3.48
C PRO D 5 26.75 14.76 -1.98
N GLU D 6 26.02 15.68 -1.33
CA GLU D 6 25.72 15.53 0.09
C GLU D 6 24.95 14.23 0.36
N GLU D 7 23.94 13.90 -0.46
CA GLU D 7 23.26 12.60 -0.29
C GLU D 7 24.26 11.45 -0.49
N LYS D 8 25.07 11.52 -1.56
CA LYS D 8 26.10 10.51 -1.80
C LYS D 8 27.04 10.40 -0.61
N SER D 9 27.52 11.53 -0.11
CA SER D 9 28.41 11.51 1.05
C SER D 9 27.76 10.76 2.21
N ALA D 10 26.53 11.11 2.53
CA ALA D 10 25.87 10.54 3.71
C ALA D 10 25.76 9.03 3.62
N VAL D 11 25.33 8.53 2.46
CA VAL D 11 25.14 7.09 2.29
C VAL D 11 26.47 6.35 2.39
N THR D 12 27.49 6.84 1.65
CA THR D 12 28.73 6.08 1.59
C THR D 12 29.56 6.25 2.86
N ALA D 13 29.46 7.42 3.50
CA ALA D 13 30.19 7.62 4.75
C ALA D 13 29.77 6.60 5.80
N LEU D 14 28.49 6.23 5.81
CA LEU D 14 27.99 5.29 6.82
C LEU D 14 28.21 3.85 6.39
N TRP D 15 28.08 3.60 5.08
CA TRP D 15 28.10 2.24 4.55
C TRP D 15 29.46 1.56 4.62
N GLY D 16 30.53 2.33 4.91
CA GLY D 16 31.84 1.73 5.16
C GLY D 16 32.01 1.23 6.58
N LYS D 17 31.32 1.84 7.52
CA LYS D 17 31.31 1.36 8.90
C LYS D 17 30.41 0.12 9.11
N VAL D 18 29.78 -0.39 8.06
CA VAL D 18 28.72 -1.38 8.25
C VAL D 18 29.36 -2.73 8.53
N ASN D 19 29.01 -3.35 9.66
CA ASN D 19 29.43 -4.73 9.88
C ASN D 19 28.74 -5.54 8.78
N VAL D 20 29.44 -5.69 7.65
CA VAL D 20 28.83 -6.31 6.47
C VAL D 20 28.38 -7.72 6.80
N ASP D 21 29.17 -8.45 7.58
CA ASP D 21 28.92 -9.85 7.83
C ASP D 21 27.57 -10.13 8.48
N GLU D 22 26.98 -9.17 9.18
CA GLU D 22 25.82 -9.43 10.00
C GLU D 22 24.60 -8.56 9.71
N VAL D 23 24.76 -7.30 9.30
CA VAL D 23 23.62 -6.39 9.21
C VAL D 23 22.62 -6.88 8.19
N GLY D 24 23.10 -7.51 7.12
CA GLY D 24 22.17 -8.11 6.19
C GLY D 24 21.28 -9.14 6.84
N GLY D 25 21.87 -9.98 7.69
CA GLY D 25 21.08 -11.01 8.35
C GLY D 25 20.14 -10.40 9.37
N GLU D 26 20.57 -9.35 10.05
CA GLU D 26 19.68 -8.65 10.96
C GLU D 26 18.47 -8.12 10.19
N ALA D 27 18.69 -7.62 8.97
CA ALA D 27 17.63 -6.93 8.26
C ALA D 27 16.65 -7.94 7.71
N LEU D 28 17.18 -8.98 7.06
CA LEU D 28 16.34 -10.02 6.50
C LEU D 28 15.63 -10.80 7.57
N GLY D 29 16.30 -11.05 8.69
CA GLY D 29 15.63 -11.68 9.81
C GLY D 29 14.43 -10.86 10.26
N ARG D 30 14.67 -9.57 10.58
CA ARG D 30 13.60 -8.74 11.13
C ARG D 30 12.41 -8.63 10.16
N LEU D 31 12.66 -8.70 8.86
CA LEU D 31 11.56 -8.71 7.90
C LEU D 31 10.68 -9.93 8.11
N LEU D 32 11.28 -11.13 8.19
CA LEU D 32 10.49 -12.34 8.36
C LEU D 32 9.77 -12.38 9.70
N VAL D 33 10.26 -11.62 10.69
CA VAL D 33 9.61 -11.57 11.99
C VAL D 33 8.56 -10.47 12.05
N VAL D 34 8.85 -9.31 11.50
CA VAL D 34 7.90 -8.21 11.62
C VAL D 34 6.76 -8.35 10.61
N TYR D 35 7.06 -8.84 9.40
CA TYR D 35 6.06 -9.09 8.34
C TYR D 35 6.09 -10.59 8.03
N PRO D 36 5.29 -11.39 8.77
CA PRO D 36 5.41 -12.87 8.67
C PRO D 36 5.10 -13.48 7.32
N TRP D 37 4.15 -12.91 6.57
CA TRP D 37 3.86 -13.46 5.25
C TRP D 37 5.11 -13.57 4.40
N THR D 38 6.19 -12.85 4.74
CA THR D 38 7.41 -12.95 3.94
C THR D 38 8.10 -14.28 4.12
N GLN D 39 7.82 -14.97 5.22
CA GLN D 39 8.36 -16.30 5.44
C GLN D 39 7.98 -17.23 4.30
N ARG D 40 6.75 -17.07 3.77
CA ARG D 40 6.29 -17.86 2.61
C ARG D 40 7.35 -17.86 1.52
N PHE D 41 8.02 -16.73 1.31
CA PHE D 41 9.04 -16.62 0.26
C PHE D 41 10.32 -17.36 0.59
N PHE D 42 10.40 -17.93 1.78
CA PHE D 42 11.55 -18.71 2.21
C PHE D 42 10.97 -19.98 2.81
N GLU D 43 11.11 -20.17 4.12
CA GLU D 43 10.72 -21.40 4.83
C GLU D 43 11.22 -22.70 4.19
N SER D 44 11.48 -22.67 2.88
CA SER D 44 12.46 -23.54 2.25
C SER D 44 13.87 -23.04 2.59
N PHE D 45 14.03 -22.51 3.81
CA PHE D 45 15.24 -21.83 4.24
C PHE D 45 15.58 -22.20 5.68
N GLY D 46 15.08 -23.36 6.15
CA GLY D 46 15.35 -23.85 7.49
C GLY D 46 14.15 -23.65 8.39
N ASP D 47 14.37 -23.51 9.69
CA ASP D 47 13.27 -23.27 10.63
C ASP D 47 13.09 -21.76 10.84
N LEU D 48 11.85 -21.29 10.63
CA LEU D 48 11.50 -19.87 10.71
C LEU D 48 10.37 -19.69 11.71
N SER D 49 10.57 -20.11 12.97
CA SER D 49 9.46 -20.35 13.87
C SER D 49 9.42 -19.44 15.09
N THR D 50 10.31 -18.47 15.18
CA THR D 50 10.29 -17.56 16.31
C THR D 50 11.20 -16.35 15.97
N PRO D 51 11.21 -15.32 16.78
CA PRO D 51 12.27 -14.31 16.63
C PRO D 51 13.61 -15.02 16.60
N ASP D 52 13.92 -15.66 17.75
CA ASP D 52 15.21 -16.32 17.94
C ASP D 52 15.45 -17.34 16.82
N ALA D 53 14.47 -18.19 16.55
CA ALA D 53 14.63 -19.13 15.44
C ALA D 53 15.09 -18.40 14.18
N VAL D 54 14.36 -17.34 13.80
CA VAL D 54 14.69 -16.68 12.55
C VAL D 54 16.05 -15.98 12.65
N MET D 55 16.28 -15.25 13.75
CA MET D 55 17.48 -14.42 13.83
C MET D 55 18.75 -15.27 13.64
N GLY D 56 18.69 -16.55 13.97
CA GLY D 56 19.88 -17.38 13.86
C GLY D 56 19.71 -18.60 12.99
N ASN D 57 18.88 -18.48 11.98
CA ASN D 57 18.78 -19.49 10.95
C ASN D 57 19.89 -19.24 9.95
N PRO D 58 20.79 -20.20 9.70
CA PRO D 58 21.93 -19.87 8.84
C PRO D 58 21.63 -19.34 7.46
N LYS D 59 20.59 -19.81 6.78
CA LYS D 59 20.38 -19.35 5.41
C LYS D 59 19.84 -17.92 5.40
N VAL D 60 19.15 -17.54 6.49
CA VAL D 60 18.82 -16.12 6.69
C VAL D 60 20.07 -15.27 6.69
N LYS D 61 20.95 -15.53 7.67
CA LYS D 61 22.19 -14.78 7.81
C LYS D 61 22.97 -14.77 6.50
N ALA D 62 23.06 -15.91 5.82
CA ALA D 62 23.80 -15.97 4.56
C ALA D 62 23.15 -15.12 3.48
N HIS D 63 21.82 -15.25 3.31
CA HIS D 63 21.19 -14.46 2.25
C HIS D 63 21.09 -12.98 2.63
N GLY D 64 21.11 -12.68 3.94
CA GLY D 64 21.32 -11.31 4.34
C GLY D 64 22.52 -10.71 3.66
N LYS D 65 23.65 -11.44 3.66
CA LYS D 65 24.87 -10.91 3.04
C LYS D 65 24.63 -10.58 1.57
N LYS D 66 23.94 -11.46 0.83
CA LYS D 66 23.67 -11.20 -0.60
C LYS D 66 22.88 -9.90 -0.75
N VAL D 67 21.81 -9.78 0.05
CA VAL D 67 21.02 -8.56 0.09
C VAL D 67 21.91 -7.34 0.25
N LEU D 68 22.78 -7.33 1.27
CA LEU D 68 23.67 -6.18 1.47
C LEU D 68 24.54 -5.93 0.23
N GLY D 69 25.08 -7.00 -0.36
CA GLY D 69 25.83 -6.88 -1.59
C GLY D 69 25.00 -6.24 -2.67
N ALA D 70 23.86 -6.87 -2.98
CA ALA D 70 22.88 -6.28 -3.89
C ALA D 70 22.76 -4.78 -3.66
N PHE D 71 22.71 -4.37 -2.39
CA PHE D 71 22.55 -2.94 -2.08
C PHE D 71 23.79 -2.13 -2.50
N SER D 72 24.97 -2.51 -2.04
CA SER D 72 26.16 -1.79 -2.46
C SER D 72 26.25 -1.71 -3.97
N ASP D 73 25.79 -2.76 -4.65
CA ASP D 73 25.74 -2.74 -6.11
C ASP D 73 24.82 -1.63 -6.60
N GLY D 74 23.70 -1.40 -5.90
CA GLY D 74 22.89 -0.26 -6.27
C GLY D 74 23.61 1.06 -6.01
N LEU D 75 24.33 1.14 -4.89
CA LEU D 75 25.11 2.33 -4.56
C LEU D 75 26.01 2.74 -5.73
N ALA D 76 26.87 1.81 -6.17
CA ALA D 76 27.87 2.14 -7.17
C ALA D 76 27.29 2.44 -8.54
N HIS D 77 25.99 2.22 -8.77
CA HIS D 77 25.44 2.42 -10.12
C HIS D 77 24.02 2.98 -10.05
N LEU D 78 23.87 4.14 -9.42
CA LEU D 78 22.56 4.73 -9.21
C LEU D 78 21.89 5.07 -10.53
N ASP D 79 22.62 5.74 -11.43
CA ASP D 79 22.01 6.27 -12.63
C ASP D 79 21.43 5.19 -13.52
N ASN D 80 21.98 3.97 -13.43
CA ASN D 80 21.48 2.81 -14.18
C ASN D 80 21.21 1.70 -13.16
N LEU D 81 20.09 1.84 -12.45
CA LEU D 81 19.75 0.84 -11.44
C LEU D 81 19.03 -0.36 -12.07
N LYS D 82 18.21 -0.17 -13.12
CA LYS D 82 17.51 -1.31 -13.72
C LYS D 82 18.49 -2.26 -14.41
N GLY D 83 19.60 -1.72 -14.93
CA GLY D 83 20.58 -2.53 -15.63
C GLY D 83 21.56 -3.26 -14.72
N THR D 84 21.69 -2.82 -13.47
CA THR D 84 22.48 -3.57 -12.51
C THR D 84 21.66 -4.71 -11.91
N PHE D 85 20.44 -4.42 -11.45
CA PHE D 85 19.53 -5.45 -10.98
C PHE D 85 18.81 -6.14 -12.10
N ALA D 86 19.43 -6.25 -13.24
CA ALA D 86 18.81 -6.93 -14.38
C ALA D 86 19.11 -8.42 -14.26
N THR D 87 20.36 -8.82 -14.51
CA THR D 87 20.74 -10.22 -14.37
C THR D 87 20.47 -10.72 -12.97
N LEU D 88 20.31 -9.82 -12.01
CA LEU D 88 19.94 -10.18 -10.64
C LEU D 88 18.55 -10.80 -10.60
N SER D 89 17.50 -10.03 -10.90
CA SER D 89 16.17 -10.62 -10.89
C SER D 89 16.07 -11.75 -11.92
N GLU D 90 16.89 -11.69 -12.97
CA GLU D 90 16.83 -12.71 -14.02
C GLU D 90 17.38 -14.04 -13.52
N LEU D 91 18.56 -14.01 -12.89
CA LEU D 91 19.20 -15.24 -12.41
C LEU D 91 18.38 -15.93 -11.33
N HIS D 92 17.30 -15.30 -10.87
CA HIS D 92 16.35 -15.88 -9.92
C HIS D 92 15.18 -16.60 -10.58
N CYS D 93 14.99 -16.52 -11.90
CA CYS D 93 13.83 -17.15 -12.54
C CYS D 93 12.55 -16.48 -12.05
N ASP D 94 11.92 -17.07 -11.01
CA ASP D 94 10.64 -16.64 -10.47
C ASP D 94 10.65 -16.70 -8.95
N LYS D 95 11.77 -16.29 -8.34
CA LYS D 95 11.91 -16.26 -6.88
C LYS D 95 11.76 -14.85 -6.33
N LEU D 96 11.55 -13.86 -7.22
CA LEU D 96 11.56 -12.44 -6.88
C LEU D 96 10.31 -11.73 -7.41
N HIS D 97 9.20 -12.47 -7.56
CA HIS D 97 7.92 -11.88 -7.92
C HIS D 97 7.31 -11.08 -6.76
N VAL D 98 6.95 -11.76 -5.67
CA VAL D 98 6.41 -11.20 -4.43
C VAL D 98 5.38 -10.08 -4.53
N ASP D 99 5.71 -8.95 -5.19
CA ASP D 99 5.04 -7.65 -5.23
C ASP D 99 6.10 -6.60 -4.83
N PRO D 100 6.18 -5.46 -5.51
CA PRO D 100 7.22 -4.47 -5.16
C PRO D 100 7.11 -3.89 -3.75
N GLU D 101 5.98 -4.02 -3.07
CA GLU D 101 5.86 -3.49 -1.71
C GLU D 101 6.82 -4.19 -0.77
N ASN D 102 6.97 -5.50 -0.91
CA ASN D 102 7.86 -6.21 0.00
C ASN D 102 9.32 -5.92 -0.24
N PHE D 103 9.68 -5.37 -1.41
CA PHE D 103 11.02 -4.80 -1.57
C PHE D 103 11.12 -3.49 -0.80
N ARG D 104 10.04 -2.71 -0.81
CA ARG D 104 10.01 -1.48 -0.02
C ARG D 104 10.03 -1.78 1.47
N LEU D 105 9.35 -2.83 1.89
CA LEU D 105 9.37 -3.20 3.32
C LEU D 105 10.79 -3.66 3.73
N LEU D 106 11.39 -4.56 2.94
CA LEU D 106 12.77 -4.94 3.21
C LEU D 106 13.64 -3.70 3.37
N GLY D 107 13.48 -2.72 2.47
CA GLY D 107 14.31 -1.54 2.54
C GLY D 107 14.04 -0.68 3.77
N ASN D 108 12.79 -0.59 4.18
CA ASN D 108 12.52 0.11 5.43
C ASN D 108 13.05 -0.67 6.64
N VAL D 109 13.10 -2.00 6.56
CA VAL D 109 13.57 -2.76 7.72
C VAL D 109 15.07 -2.53 7.90
N LEU D 110 15.82 -2.64 6.81
CA LEU D 110 17.22 -2.22 6.73
C LEU D 110 17.44 -0.82 7.31
N VAL D 111 16.63 0.17 6.91
CA VAL D 111 16.78 1.50 7.48
C VAL D 111 16.64 1.40 8.99
N CYS D 112 15.64 0.66 9.47
CA CYS D 112 15.53 0.46 10.92
C CYS D 112 16.80 -0.18 11.51
N VAL D 113 17.43 -1.10 10.77
CA VAL D 113 18.56 -1.81 11.37
C VAL D 113 19.81 -0.92 11.37
N LEU D 114 19.96 -0.07 10.37
CA LEU D 114 21.06 0.87 10.39
C LEU D 114 20.91 1.83 11.55
N ALA D 115 19.74 2.47 11.65
CA ALA D 115 19.48 3.38 12.75
C ALA D 115 19.72 2.70 14.09
N HIS D 116 19.41 1.41 14.18
CA HIS D 116 19.63 0.65 15.39
C HIS D 116 21.12 0.50 15.69
N HIS D 117 21.94 0.40 14.67
CA HIS D 117 23.35 0.18 14.89
C HIS D 117 24.10 1.49 15.01
N PHE D 118 23.62 2.60 14.39
CA PHE D 118 24.33 3.88 14.44
C PHE D 118 23.69 4.94 15.35
N GLY D 119 22.50 4.72 15.90
CA GLY D 119 21.90 5.71 16.77
C GLY D 119 21.96 7.14 16.26
N LYS D 120 22.41 8.05 17.13
CA LYS D 120 22.62 9.47 16.85
C LYS D 120 23.20 9.67 15.45
N GLU D 121 24.17 8.85 15.07
CA GLU D 121 24.81 9.00 13.75
C GLU D 121 23.83 8.89 12.57
N PHE D 122 22.76 8.10 12.71
CA PHE D 122 21.81 7.94 11.60
C PHE D 122 20.84 9.09 11.70
N THR D 123 21.30 10.27 11.30
CA THR D 123 20.50 11.49 11.50
C THR D 123 19.37 11.51 10.47
N PRO D 124 18.46 12.46 10.58
CA PRO D 124 17.31 12.48 9.69
C PRO D 124 17.73 12.71 8.25
N PRO D 125 18.65 13.63 7.98
CA PRO D 125 19.10 13.77 6.59
C PRO D 125 19.86 12.55 6.10
N VAL D 126 20.62 11.85 6.96
CA VAL D 126 21.21 10.59 6.54
C VAL D 126 20.13 9.58 6.18
N GLN D 127 19.05 9.53 6.98
CA GLN D 127 17.95 8.64 6.65
C GLN D 127 17.38 9.00 5.28
N ALA D 128 17.10 10.27 5.05
CA ALA D 128 16.50 10.70 3.79
C ALA D 128 17.29 10.22 2.58
N ALA D 129 18.63 10.29 2.63
CA ALA D 129 19.45 9.81 1.52
C ALA D 129 19.26 8.33 1.28
N TYR D 130 19.29 7.53 2.35
CA TYR D 130 19.03 6.10 2.25
C TYR D 130 17.61 5.78 1.77
N GLN D 131 16.62 6.56 2.19
CA GLN D 131 15.28 6.27 1.69
C GLN D 131 15.24 6.43 0.17
N LYS D 132 15.94 7.44 -0.35
CA LYS D 132 16.01 7.61 -1.80
C LYS D 132 16.58 6.35 -2.43
N VAL D 133 17.66 5.83 -1.84
CA VAL D 133 18.34 4.65 -2.35
C VAL D 133 17.40 3.45 -2.32
N VAL D 134 16.94 3.07 -1.11
CA VAL D 134 16.03 1.94 -1.01
C VAL D 134 14.87 2.08 -2.00
N ALA D 135 14.33 3.30 -2.12
CA ALA D 135 13.28 3.54 -3.10
C ALA D 135 13.72 3.11 -4.51
N GLY D 136 14.83 3.65 -5.01
CA GLY D 136 15.20 3.36 -6.39
C GLY D 136 15.54 1.90 -6.62
N VAL D 137 16.17 1.28 -5.62
CA VAL D 137 16.46 -0.14 -5.72
C VAL D 137 15.19 -0.95 -5.72
N ALA D 138 14.22 -0.61 -4.84
CA ALA D 138 12.98 -1.37 -4.82
C ALA D 138 12.36 -1.38 -6.20
N ASN D 139 12.18 -0.19 -6.77
CA ASN D 139 11.54 0.00 -8.07
C ASN D 139 12.34 -0.63 -9.20
N ALA D 140 13.65 -0.75 -9.02
CA ALA D 140 14.47 -1.50 -9.98
C ALA D 140 13.99 -2.95 -10.09
N LEU D 141 13.95 -3.66 -8.96
CA LEU D 141 13.47 -5.04 -8.96
C LEU D 141 12.04 -5.16 -9.49
N ALA D 142 11.83 -4.81 -10.75
CA ALA D 142 10.50 -4.68 -11.30
C ALA D 142 10.49 -4.27 -12.77
C1 GOL E . -0.43 -0.53 -0.87
O1 GOL E . -0.62 -1.42 0.23
C2 GOL E . 0.88 0.31 -0.59
O2 GOL E . 1.06 1.36 -1.50
C3 GOL E . 0.75 0.87 0.88
O3 GOL E . -0.44 1.62 0.88
H11 GOL E . -1.18 0.08 -0.97
H12 GOL E . -0.34 -0.99 -1.71
HO1 GOL E . -1.29 -1.89 0.05
H2 GOL E . 1.65 -0.28 -0.68
HO2 GOL E . 0.58 1.20 -2.19
H31 GOL E . 1.54 1.38 1.09
H32 GOL E . 0.74 0.13 1.50
HO3 GOL E . -0.48 2.02 0.13
CHA HEM F . -9.12 -20.30 1.45
CHB HEM F . -12.26 -16.63 1.45
CHC HEM F . -8.85 -13.58 -0.11
CHD HEM F . -6.01 -17.45 -0.84
C1A HEM F . -10.28 -19.57 1.58
C2A HEM F . -11.57 -20.07 1.97
C3A HEM F . -12.41 -19.06 1.94
C4A HEM F . -11.70 -17.87 1.57
CMA HEM F . -13.89 -19.06 2.27
CAA HEM F . -11.91 -21.54 2.31
CBA HEM F . -12.16 -22.37 1.01
CGA HEM F . -12.46 -23.85 1.27
O1A HEM F . -12.36 -24.67 0.31
O2A HEM F . -12.80 -24.25 2.43
C1B HEM F . -11.60 -15.48 1.07
C2B HEM F . -12.16 -14.15 1.04
C3B HEM F . -11.21 -13.31 0.64
C4B HEM F . -10.03 -14.08 0.36
CMB HEM F . -13.60 -13.80 1.47
CAB HEM F . -11.25 -11.78 0.41
CBB HEM F . -12.37 -11.17 0.02
C1C HEM F . -7.81 -14.40 -0.49
C2C HEM F . -6.60 -13.96 -1.19
C3C HEM F . -5.83 -15.04 -1.37
C4C HEM F . -6.53 -16.19 -0.83
CMC HEM F . -6.29 -12.50 -1.60
CAC HEM F . -4.43 -15.12 -2.07
CBC HEM F . -4.12 -14.35 -3.12
C1D HEM F . -6.59 -18.54 -0.29
C2D HEM F . -6.09 -19.88 -0.43
C3D HEM F . -6.93 -20.69 0.20
C4D HEM F . -8.02 -19.89 0.72
CMD HEM F . -4.77 -20.23 -1.16
CAD HEM F . -6.74 -22.23 0.30
CBD HEM F . -7.00 -22.82 -1.09
CGD HEM F . -7.29 -24.32 -0.99
O1D HEM F . -8.44 -24.74 -1.27
O2D HEM F . -6.36 -25.09 -0.63
NA HEM F . -10.41 -18.22 1.34
NB HEM F . -10.28 -15.40 0.63
NC HEM F . -7.72 -15.76 -0.29
ND HEM F . -7.79 -18.57 0.39
FE HEM F . -9.02 -16.97 0.51
HHB HEM F . -13.22 -16.55 1.66
HHC HEM F . -8.75 -12.61 -0.20
HHD HEM F . -5.14 -17.58 -1.27
HMA HEM F . -14.33 -19.80 1.80
HMAA HEM F . -14.29 -18.20 2.00
HMAB HEM F . -14.01 -19.18 3.24
HAA HEM F . -12.69 -21.56 2.85
HAAA HEM F . -11.16 -21.92 2.79
HBA HEM F . -11.37 -22.30 0.46
HBAA HEM F . -12.91 -21.98 0.55
HMB HEM F . -13.68 -12.84 1.55
HMBA HEM F . -13.79 -14.21 2.32
HMBB HEM F . -14.23 -14.12 0.81
HAB HEM F . -10.45 -11.26 0.55
HBB HEM F . -12.36 -10.20 -0.11
HBBA HEM F . -13.18 -11.67 -0.13
HMC HEM F . -5.36 -12.44 -1.90
HMCA HEM F . -6.42 -11.92 -0.85
HMCB HEM F . -6.87 -12.24 -2.32
HAC HEM F . -3.79 -15.74 -1.74
HBC HEM F . -3.23 -14.43 -3.53
HBCA HEM F . -4.76 -13.72 -3.47
HMD HEM F . -4.60 -21.20 -1.07
HMDA HEM F . -4.03 -19.72 -0.77
HMDB HEM F . -4.86 -20.00 -2.12
HAD HEM F . -7.38 -22.59 0.94
HADA HEM F . -5.85 -22.44 0.59
HBD HEM F . -6.21 -22.69 -1.64
HBDA HEM F . -7.77 -22.38 -1.49
HHA HEM F . -9.07 -21.17 1.90
C1 GOL G . -25.36 -11.72 -16.30
O1 GOL G . -24.86 -12.30 -15.08
C2 GOL G . -24.92 -10.23 -16.35
O2 GOL G . -25.79 -9.36 -15.61
C3 GOL G . -24.93 -9.79 -17.88
O3 GOL G . -23.59 -9.66 -18.26
H11 GOL G . -26.33 -11.77 -16.35
H12 GOL G . -25.03 -12.17 -17.09
HO1 GOL G . -24.04 -12.46 -15.20
H2 GOL G . -24.03 -10.18 -15.96
HO2 GOL G . -25.44 -8.59 -15.56
H31 GOL G . -25.43 -8.95 -17.96
H32 GOL G . -25.42 -10.43 -18.40
HO3 GOL G . -23.54 -9.73 -19.10
CHA HEM H . -2.88 21.13 -17.36
CHB HEM H . -3.46 16.31 -17.19
CHC HEM H . -3.60 16.42 -12.29
CHD HEM H . -4.19 21.24 -12.67
C1A HEM H . -2.93 19.82 -17.80
C2A HEM H . -2.70 19.26 -19.13
C3A HEM H . -2.85 17.92 -19.08
C4A HEM H . -3.21 17.58 -17.70
CMA HEM H . -2.70 16.93 -20.26
CAA HEM H . -2.32 20.02 -20.42
CBA HEM H . -3.58 20.15 -21.29
CGA HEM H . -3.29 19.95 -22.76
O1A HEM H . -2.26 20.50 -23.25
O2A HEM H . -4.13 19.24 -23.40
C1B HEM H . -3.47 15.90 -15.86
C2B HEM H . -3.43 14.54 -15.39
C3B HEM H . -3.47 14.55 -14.04
C4B HEM H . -3.54 15.93 -13.59
CMB HEM H . -3.35 13.30 -16.31
CAB HEM H . -3.44 13.27 -13.19
CBB HEM H . -3.32 13.33 -11.86
C1C HEM H . -3.80 17.75 -11.96
C2C HEM H . -3.95 18.28 -10.65
C3C HEM H . -4.14 19.60 -10.73
C4C HEM H . -4.08 19.97 -12.14
CMC HEM H . -3.95 17.41 -9.37
CAC HEM H . -4.36 20.57 -9.56
CBC HEM H . -5.07 21.68 -9.71
C1D HEM H . -3.92 21.64 -13.95
C2D HEM H . -4.08 22.98 -14.51
C3D HEM H . -3.71 22.95 -15.79
C4D HEM H . -3.31 21.60 -16.13
CMD HEM H . -4.58 24.22 -13.73
CAD HEM H . -3.73 24.15 -16.79
CBD HEM H . -5.14 24.63 -17.07
CGD HEM H . -5.98 23.57 -17.73
O1D HEM H . -5.65 23.21 -18.89
O2D HEM H . -6.96 23.08 -17.10
NA HEM H . -3.25 18.75 -16.97
NB HEM H . -3.54 16.71 -14.73
NC HEM H . -3.88 18.81 -12.85
ND HEM H . -3.44 20.83 -14.98
FE HEM H . -3.55 18.64 -14.96
HHB HEM H . -3.65 15.61 -17.86
HHC HEM H . -3.49 15.79 -11.56
HHD HEM H . -4.50 21.94 -12.06
HMA HEM H . -3.34 17.17 -20.96
HMAA HEM H . -2.89 16.02 -19.94
HMAB HEM H . -1.80 16.98 -20.61
HAA HEM H . -1.64 19.54 -20.91
HAAA HEM H . -1.99 20.91 -20.20
HBA HEM H . -3.95 21.04 -21.16
HBAA HEM H . -4.22 19.48 -21.00
HMB HEM H . -4.01 13.37 -17.02
HMBA HEM H . -3.50 12.50 -15.80
HMBB HEM H . -2.46 13.26 -16.71
HAB HEM H . -3.50 12.41 -13.62
HBB HEM H . -3.30 12.52 -11.34
HBBA HEM H . -3.26 14.20 -11.43
HMC HEM H . -4.60 16.70 -9.46
HMCA HEM H . -4.17 17.96 -8.61
HMCB HEM H . -3.06 17.03 -9.24
HAC HEM H . -3.96 20.37 -8.71
HBC HEM H . -5.19 22.28 -8.96
HBCA HEM H . -5.46 21.89 -10.57
HMD HEM H . -4.54 25.00 -14.31
HMDA HEM H . -4.01 24.36 -12.94
HMDB HEM H . -5.50 24.07 -13.43
HAD HEM H . -3.32 23.87 -17.62
HADA HEM H . -3.20 24.88 -16.41
HBD HEM H . -5.10 25.41 -17.65
HBDA HEM H . -5.56 24.89 -16.23
HHA HEM H . -2.51 21.80 -17.99
C03 XQZ I . -3.52 12.04 -8.45
C04 XQZ I . -3.28 10.63 -9.02
C05 XQZ I . -2.28 12.93 -8.62
C06 XQZ I . -3.91 11.87 -6.97
N02 XQZ I . -4.65 12.65 -9.14
O01 XQZ I . -4.53 14.06 -9.07
H1 XQZ I . -2.57 10.20 -8.53
H2 XQZ I . -3.04 10.70 -9.96
H3 XQZ I . -4.09 10.11 -8.94
H4 XQZ I . -1.49 12.45 -8.32
H5 XQZ I . -2.18 13.18 -9.55
H6 XQZ I . -2.38 13.73 -8.08
H7 XQZ I . -4.57 11.17 -6.89
H8 XQZ I . -4.28 12.71 -6.64
H9 XQZ I . -3.12 11.64 -6.46
H10 XQZ I . -4.66 12.39 -9.99
H11 XQZ I . -4.84 14.40 -9.79
CHA HEM J . -3.13 17.15 13.83
CHB HEM J . -1.67 13.08 15.90
CHC HEM J . -0.67 11.13 11.63
CHD HEM J . -1.12 15.57 9.81
C1A HEM J . -2.84 16.20 14.78
C2A HEM J . -3.02 16.30 16.21
C3A HEM J . -2.58 15.17 16.77
C4A HEM J . -2.12 14.33 15.72
CMA HEM J . -2.59 14.79 18.26
CAA HEM J . -3.62 17.51 16.97
CBA HEM J . -2.52 18.56 17.24
CGA HEM J . -3.08 19.90 17.75
O1A HEM J . -2.25 20.86 17.92
O2A HEM J . -4.32 20.04 17.96
C1B HEM J . -1.32 12.22 14.91
C2B HEM J . -0.85 10.89 15.15
C3B HEM J . -0.59 10.33 13.98
C4B HEM J . -0.84 11.31 12.97
CMB HEM J . -0.72 10.27 16.56
CAB HEM J . -0.04 8.92 13.64
CBB HEM J . 0.64 8.20 14.50
C1C HEM J . -0.62 12.20 10.77
C2C HEM J . -0.13 12.20 9.40
C3C HEM J . -0.27 13.45 8.93
C4C HEM J . -0.86 14.26 9.98
CMC HEM J . 0.44 11.01 8.60
CAC HEM J . 0.08 14.02 7.52
CBC HEM J . 0.90 13.44 6.63
C1D HEM J . -1.69 16.38 10.72
C2D HEM J . -1.93 17.79 10.51
C3D HEM J . -2.50 18.27 11.61
C4D HEM J . -2.63 17.16 12.56
CMD HEM J . -1.57 18.50 9.20
CAD HEM J . -2.93 19.73 11.80
CBD HEM J . -1.71 20.64 11.81
CGD HEM J . -2.10 21.99 12.38
O1D HEM J . -1.63 22.28 13.51
O2D HEM J . -2.84 22.79 11.72
NA HEM J . -2.27 14.96 14.53
NB HEM J . -1.30 12.46 13.57
NC HEM J . -1.06 13.48 11.07
ND HEM J . -2.13 16.02 11.97
FE HEM J . -1.63 14.28 12.74
HHB HEM J . -1.58 12.77 16.83
HHC HEM J . -0.57 10.23 11.27
HHD HEM J . -0.88 15.96 8.94
HMA HEM J . -2.31 15.57 18.80
HMAA HEM J . -1.96 14.05 18.41
HMAB HEM J . -3.48 14.52 18.53
HAA HEM J . -4.00 17.21 17.81
HAAA HEM J . -4.32 17.91 16.43
HBA HEM J . -2.04 18.72 16.42
HBAA HEM J . -1.92 18.21 17.91
HMB HEM J . -0.64 9.31 16.49
HMBA HEM J . -1.52 10.48 17.07
HMBB HEM J . 0.05 10.64 17.01
HAB HEM J . -0.19 8.58 12.75
HBB HEM J . 0.97 7.32 14.24
HBBA HEM J . 0.81 8.54 15.40
HMC HEM J . 0.21 11.11 7.66
HMCA HEM J . 0.08 10.18 8.93
HMCB HEM J . 1.41 10.99 8.68
HAC HEM J . -0.33 14.85 7.25
HBC HEM J . 1.06 13.86 5.78
HBCA HEM J . 1.33 12.60 6.86
HMD HEM J . -1.81 19.44 9.27
HMDA HEM J . -2.05 18.08 8.46
HMDB HEM J . -0.61 18.42 9.04
HAD HEM J . -3.40 19.82 12.65
HADA HEM J . -3.52 19.99 11.08
HBD HEM J . -1.38 20.75 10.91
HBDA HEM J . -1.01 20.25 12.36
HHA HEM J . -3.76 17.87 14.08
C03 XQZ K . 21.53 19.71 17.19
C04 XQZ K . 22.55 19.27 18.26
C05 XQZ K . 21.51 18.61 16.14
C06 XQZ K . 21.94 20.99 16.45
N02 XQZ K . 20.22 19.89 17.81
O01 XQZ K . 19.85 18.76 18.57
H1 XQZ K . 23.43 19.27 17.87
H2 XQZ K . 22.52 19.90 19.00
H3 XQZ K . 22.32 18.39 18.58
H4 XQZ K . 21.10 17.82 16.51
H5 XQZ K . 22.42 18.42 15.86
H6 XQZ K . 21.00 18.92 15.37
H7 XQZ K . 21.91 21.74 17.06
H8 XQZ K . 22.83 20.89 16.09
H9 XQZ K . 21.32 21.15 15.72
H10 XQZ K . 19.61 20.01 17.17
H11 XQZ K . 19.00 18.74 18.65
C1 GOL L . 19.30 10.38 23.92
O1 GOL L . 17.93 10.81 23.85
C2 GOL L . 19.45 9.11 23.06
O2 GOL L . 19.23 7.92 23.85
C3 GOL L . 20.90 9.07 22.44
O3 GOL L . 21.01 10.00 21.38
H11 GOL L . 19.58 10.18 24.84
H12 GOL L . 19.93 11.06 23.61
HO1 GOL L . 17.86 11.52 24.31
H2 GOL L . 18.79 9.17 22.35
HO2 GOL L . 18.74 7.41 23.41
H31 GOL L . 21.09 8.15 22.17
H32 GOL L . 21.54 9.25 23.16
HO3 GOL L . 21.74 10.43 21.49
C1 GOL M . -14.98 9.87 4.33
O1 GOL M . -13.69 10.46 4.45
C2 GOL M . -16.04 11.01 4.47
O2 GOL M . -17.33 10.51 4.72
C3 GOL M . -15.97 11.83 3.14
O3 GOL M . -15.25 13.03 3.44
H11 GOL M . -15.15 9.19 5.00
H12 GOL M . -15.11 9.43 3.47
HO1 GOL M . -13.26 9.94 4.99
H2 GOL M . -15.81 11.58 5.22
HO2 GOL M . -17.75 11.10 5.17
H31 GOL M . -16.87 11.98 2.81
H32 GOL M . -15.55 11.28 2.46
HO3 GOL M . -15.73 13.67 3.12
C03 XQZ N . 8.80 -9.89 27.59
C04 XQZ N . 8.26 -8.94 28.66
C05 XQZ N . 7.77 -10.01 26.43
C06 XQZ N . 9.08 -11.24 28.26
N02 XQZ N . 10.05 -9.38 27.05
O01 XQZ N . 10.69 -10.34 26.24
H1 XQZ N . 8.01 -8.09 28.24
H2 XQZ N . 7.48 -9.34 29.07
H3 XQZ N . 8.95 -8.78 29.32
H4 XQZ N . 8.01 -10.77 25.87
H5 XQZ N . 6.89 -10.14 26.81
H6 XQZ N . 7.79 -9.20 25.90
H7 XQZ N . 9.78 -11.13 28.91
H8 XQZ N . 8.27 -11.54 28.70
H9 XQZ N . 9.35 -11.88 27.59
H10 XQZ N . 9.88 -8.66 26.57
H11 XQZ N . 11.50 -10.12 26.12
CHA HEM O . 21.46 -16.18 -5.80
CHB HEM O . 20.42 -11.89 -3.80
CHC HEM O . 15.84 -13.31 -2.60
CHD HEM O . 17.41 -17.82 -3.61
C1A HEM O . 21.64 -14.85 -5.42
C2A HEM O . 22.79 -13.98 -5.63
C3A HEM O . 22.47 -12.80 -5.06
C4A HEM O . 21.13 -12.88 -4.48
CMA HEM O . 23.38 -11.55 -5.04
CAA HEM O . 24.11 -14.31 -6.37
CBA HEM O . 25.34 -14.52 -5.44
CGA HEM O . 25.61 -16.00 -5.26
O1A HEM O . 26.43 -16.41 -4.39
O2A HEM O . 25.02 -16.83 -6.01
C1B HEM O . 19.08 -11.88 -3.38
C2B HEM O . 18.33 -10.71 -2.97
C3B HEM O . 17.09 -11.07 -2.62
C4B HEM O . 16.94 -12.50 -2.80
CMB HEM O . 18.90 -9.27 -2.93
CAB HEM O . 16.07 -10.02 -2.14
CBB HEM O . 14.83 -10.38 -1.85
C1C HEM O . 15.86 -14.69 -2.77
C2C HEM O . 14.80 -15.62 -2.54
C3C HEM O . 15.24 -16.85 -2.84
C4C HEM O . 16.61 -16.75 -3.24
CMC HEM O . 13.41 -15.18 -2.07
CAC HEM O . 14.55 -18.24 -2.76
CBC HEM O . 13.46 -18.47 -2.01
C1D HEM O . 18.63 -17.80 -4.26
C2D HEM O . 19.43 -18.94 -4.62
C3D HEM O . 20.57 -18.49 -5.22
C4D HEM O . 20.50 -17.05 -5.27
CMD HEM O . 19.02 -20.40 -4.33
CAD HEM O . 21.77 -19.28 -5.81
CBD HEM O . 22.19 -20.47 -4.95
CGD HEM O . 22.32 -20.11 -3.49
O1D HEM O . 23.31 -19.39 -3.16
O2D HEM O . 21.46 -20.54 -2.66
NA HEM O . 20.68 -14.14 -4.72
NB HEM O . 18.18 -12.93 -3.27
NC HEM O . 16.95 -15.42 -3.19
ND HEM O . 19.31 -16.67 -4.67
FE HEM O . 18.87 -14.72 -3.88
HHB HEM O . 20.92 -11.08 -3.57
HHC HEM O . 15.00 -12.90 -2.31
HHD HEM O . 17.06 -18.71 -3.39
HMA HEM O . 24.23 -11.77 -4.61
HMAA HEM O . 22.94 -10.83 -4.54
HMAB HEM O . 23.54 -11.24 -5.95
HAA HEM O . 24.32 -13.58 -6.97
HAAA HEM O . 23.98 -15.13 -6.88
HBA HEM O . 25.14 -14.12 -4.57
HBAA HEM O . 26.10 -14.09 -5.83
HMB HEM O . 19.84 -9.31 -2.72
HMBA HEM O . 18.44 -8.76 -2.26
HMBB HEM O . 18.78 -8.86 -3.80
HAB HEM O . 16.33 -9.10 -2.06
HBB HEM O . 14.19 -9.72 -1.55
HBBA HEM O . 14.56 -11.32 -1.94
HMC HEM O . 13.50 -14.44 -1.43
HMCA HEM O . 12.96 -15.92 -1.62
HMCB HEM O . 12.88 -14.88 -2.82
HAC HEM O . 14.91 -18.97 -3.26
HBC HEM O . 13.05 -19.35 -1.98
HBCA HEM O . 13.07 -17.75 -1.49
HMD HEM O . 19.50 -21.01 -4.94
HMDA HEM O . 18.06 -20.51 -4.46
HMDB HEM O . 19.25 -20.63 -3.40
HAD HEM O . 22.53 -18.67 -5.88
HADA HEM O . 21.54 -19.59 -6.68
HBD HEM O . 23.04 -20.81 -5.27
HBDA HEM O . 21.51 -21.16 -5.04
HHA HEM O . 22.05 -16.53 -6.50
C03 XQZ P . 11.40 -10.36 -0.97
C04 XQZ P . 10.02 -10.72 -0.39
C05 XQZ P . 11.61 -8.85 -0.85
C06 XQZ P . 11.46 -10.79 -2.45
N02 XQZ P . 12.42 -11.07 -0.19
O01 XQZ P . 12.82 -12.26 -0.84
H1 XQZ P . 9.37 -10.05 -0.69
H2 XQZ P . 10.08 -10.70 0.58
H3 XQZ P . 9.76 -11.60 -0.69
H4 XQZ P . 12.44 -8.60 -1.29
H5 XQZ P . 10.88 -8.38 -1.26
H6 XQZ P . 11.66 -8.61 0.10
H7 XQZ P . 11.26 -11.74 -2.52
H8 XQZ P . 12.35 -10.62 -2.80
H9 XQZ P . 10.81 -10.28 -2.97
H10 XQZ P . 13.13 -10.54 -0.10
H11 XQZ P . 13.66 -12.39 -0.71
#